data_5C0S
#
_entry.id   5C0S
#
_cell.length_a   101.649
_cell.length_b   101.649
_cell.length_c   186.022
_cell.angle_alpha   90.00
_cell.angle_beta   90.00
_cell.angle_gamma   120.00
#
_symmetry.space_group_name_H-M   'H 3'
#
loop_
_entity.id
_entity.type
_entity.pdbx_description
1 polymer 'Hemagglutinin, Envelope glycoprotein, Fibritin fusion protein'
2 polymer 'CR6261 antibody heavy chain'
3 polymer 'CR6261 antibody light chain'
#
loop_
_entity_poly.entity_id
_entity_poly.type
_entity_poly.pdbx_seq_one_letter_code
_entity_poly.pdbx_strand_id
1 'polypeptide(L)'
;DTICIGYHANNSTDTVDTVLEKNVTVTHSVNLGSGLRMVTGLRNIPQRETRGLFGAIAGFIEGGWTGMVDGWYGYHHQNE
QGSGYAADQKSTQNAINGITNKVNSVIEKMGGDPEWDREINNYTSIIYSLIEESQNQQENGTGGGSGIVQQQNNLLRAIE
AQQHLLQLTVWGIKQLQTYNAELLVLLENERTLDFHDSNVKNLYEKVKSQLKNNAKEIGNGCFEFYHKCNNECMESVKNG
TYDYPKYSEESKLNREKIDPGSGYIPEAPRDGQAYVRKDGEWVLLSTFLSGRLVPRGSGHHHHHH
;
A
2 'polypeptide(L)'
;EVQLVESGAEVKKPGSSVKVSCKASGGPFRSYAISWVRQAPGQGPEWMGGIIPIFGTTKYAPKFQGRVTITADDFAGTVY
MELSSLRSEDTAMYYCAKHMGYQVRETMDVWGKGTTVTVSSASTKGPSVFPLAPSSKSTSGGTAALGCLVKDYFPEPVTV
SWNSGALTSGVHTFPAVLQSSGLYSLSSVVTVPSSSLGTQTYICNVNHKPSNTKVDKRVEPKSCDK
;
H
3 'polypeptide(L)'
;QSVLTQPPSVSAAPGQKVTISCSGSSSNIGNDYVSWYQQLPGTAPKLLIYDNNKRPSGIPDRFSGSKSGTSATLGITGLQ
TGDEANYYCATWDRRPTAYVVFGGGTKLTVLGAAAGQPKAAPSVTLFPPSSEELQANKATLVCLISDFYPGAVTVAWKAD
SSPVKAGVETTTPSKQSNNKYAASSYLSLTPEQWKSHRSYSCQVTHEGSTVEKTVAPTECS
;
L
#
# COMPACT_ATOMS: atom_id res chain seq x y z
N ASP A 1 40.01 14.49 -19.55
CA ASP A 1 38.79 14.55 -18.76
C ASP A 1 37.77 15.50 -19.40
N THR A 2 36.56 15.00 -19.65
CA THR A 2 35.52 15.80 -20.28
C THR A 2 34.10 15.44 -19.81
N ILE A 3 33.25 16.45 -19.71
CA ILE A 3 31.86 16.25 -19.31
C ILE A 3 30.91 16.70 -20.43
N CYS A 4 29.85 15.93 -20.64
CA CYS A 4 28.87 16.25 -21.68
C CYS A 4 27.46 16.37 -21.11
N ILE A 5 26.70 17.32 -21.65
CA ILE A 5 25.29 17.42 -21.34
C ILE A 5 24.50 16.76 -22.46
N GLY A 6 23.54 15.89 -22.10
CA GLY A 6 22.74 15.19 -23.09
C GLY A 6 21.36 14.81 -22.59
N TYR A 7 20.71 13.93 -23.34
CA TYR A 7 19.35 13.49 -23.01
C TYR A 7 19.08 12.06 -23.45
N HIS A 8 17.86 11.60 -23.20
CA HIS A 8 17.49 10.20 -23.41
C HIS A 8 16.98 9.90 -24.81
N ALA A 9 17.35 8.73 -25.32
CA ALA A 9 16.78 8.17 -26.54
C ALA A 9 16.55 6.66 -26.32
N ASN A 10 15.54 6.11 -26.96
CA ASN A 10 15.26 4.67 -26.83
C ASN A 10 14.65 4.04 -28.07
N ASN A 11 14.26 2.76 -27.95
CA ASN A 11 13.68 2.02 -29.06
C ASN A 11 12.20 2.33 -29.32
N SER A 12 11.75 3.50 -28.93
CA SER A 12 10.36 3.88 -29.16
C SER A 12 10.13 4.26 -30.63
N THR A 13 9.04 3.74 -31.20
CA THR A 13 8.66 4.08 -32.56
C THR A 13 7.39 4.92 -32.55
N ASP A 14 7.02 5.40 -31.36
CA ASP A 14 5.84 6.24 -31.19
C ASP A 14 5.99 7.57 -31.92
N THR A 15 4.98 7.90 -32.72
CA THR A 15 4.98 9.17 -33.42
C THR A 15 3.76 10.01 -33.06
N VAL A 16 3.98 11.29 -32.84
CA VAL A 16 2.89 12.23 -32.63
C VAL A 16 2.95 13.27 -33.73
N ASP A 17 2.03 14.23 -33.68
CA ASP A 17 2.05 15.34 -34.62
C ASP A 17 1.99 16.66 -33.86
N THR A 18 2.92 17.56 -34.16
CA THR A 18 2.76 18.94 -33.76
C THR A 18 1.92 19.60 -34.84
N VAL A 19 2.10 20.90 -35.04
CA VAL A 19 1.37 21.59 -36.10
C VAL A 19 2.23 21.74 -37.36
N LEU A 20 3.47 22.21 -37.17
CA LEU A 20 4.38 22.42 -38.29
C LEU A 20 5.04 21.11 -38.73
N GLU A 21 4.86 20.06 -37.93
CA GLU A 21 5.61 18.82 -38.14
C GLU A 21 4.75 17.60 -37.82
N LYS A 22 4.91 16.54 -38.62
CA LYS A 22 4.12 15.33 -38.45
C LYS A 22 5.01 14.09 -38.34
N ASN A 23 4.44 13.01 -37.82
CA ASN A 23 5.16 11.73 -37.67
C ASN A 23 6.49 11.87 -36.94
N VAL A 24 6.52 12.72 -35.92
CA VAL A 24 7.74 12.94 -35.14
C VAL A 24 7.93 11.82 -34.12
N THR A 25 9.00 11.06 -34.27
CA THR A 25 9.25 9.94 -33.37
C THR A 25 9.67 10.39 -31.97
N VAL A 26 8.90 9.99 -30.97
CA VAL A 26 9.21 10.34 -29.60
C VAL A 26 9.47 9.10 -28.75
N THR A 27 10.18 9.31 -27.64
CA THR A 27 10.56 8.23 -26.74
C THR A 27 9.41 7.83 -25.84
N HIS A 28 8.58 8.80 -25.47
CA HIS A 28 7.46 8.54 -24.59
C HIS A 28 6.22 9.32 -25.00
N SER A 29 5.17 8.59 -25.36
CA SER A 29 3.90 9.20 -25.76
C SER A 29 2.76 8.60 -24.96
N VAL A 30 1.54 9.04 -25.24
CA VAL A 30 0.36 8.66 -24.47
C VAL A 30 -0.93 8.75 -25.32
N ASN A 31 -1.71 7.66 -25.33
CA ASN A 31 -2.78 7.48 -26.32
C ASN A 31 -4.19 7.72 -25.76
N LEU A 32 -4.73 8.89 -26.06
CA LEU A 32 -5.96 9.40 -25.41
C LEU A 32 -7.24 8.59 -25.67
N GLY A 33 -7.52 8.30 -26.94
CA GLY A 33 -8.71 7.54 -27.29
C GLY A 33 -9.26 7.79 -28.67
N SER A 34 -9.02 8.98 -29.21
CA SER A 34 -9.58 9.35 -30.52
C SER A 34 -8.49 9.66 -31.55
N GLY A 35 -7.49 8.79 -31.64
CA GLY A 35 -6.36 9.01 -32.53
C GLY A 35 -5.45 10.10 -32.01
N LEU A 36 -5.80 10.63 -30.84
CA LEU A 36 -5.02 11.68 -30.20
C LEU A 36 -3.86 11.10 -29.44
N ARG A 37 -2.65 11.49 -29.81
CA ARG A 37 -1.47 11.04 -29.10
C ARG A 37 -0.63 12.25 -28.68
N MET A 38 -0.46 12.40 -27.37
CA MET A 38 0.33 13.50 -26.83
C MET A 38 1.74 13.02 -26.52
N VAL A 39 2.74 13.78 -26.94
CA VAL A 39 4.11 13.45 -26.58
C VAL A 39 4.30 13.73 -25.08
N THR A 40 4.99 12.83 -24.40
CA THR A 40 5.41 13.07 -23.02
C THR A 40 6.92 13.14 -22.96
N GLY A 41 7.55 12.15 -23.60
CA GLY A 41 9.00 12.14 -23.70
C GLY A 41 9.48 13.23 -24.63
N LEU A 42 10.43 12.88 -25.49
CA LEU A 42 11.07 13.85 -26.34
C LEU A 42 11.45 13.23 -27.68
N ARG A 43 11.91 14.06 -28.61
CA ARG A 43 12.31 13.58 -29.93
C ARG A 43 13.30 12.43 -29.83
N ASN A 44 12.96 11.30 -30.46
CA ASN A 44 13.80 10.11 -30.41
C ASN A 44 14.87 10.19 -31.48
N ILE A 45 16.09 10.52 -31.06
CA ILE A 45 17.20 10.69 -32.01
C ILE A 45 18.47 10.02 -31.50
N PRO A 46 18.62 8.72 -31.79
CA PRO A 46 19.81 7.99 -31.34
C PRO A 46 20.98 8.14 -32.31
N GLN A 47 22.18 8.34 -31.76
CA GLN A 47 23.37 8.56 -32.56
C GLN A 47 23.78 7.32 -33.35
N ALA A 56 33.11 8.27 -29.15
CA ALA A 56 33.75 9.53 -28.81
C ALA A 56 32.84 10.36 -27.91
N ILE A 57 31.85 9.69 -27.33
CA ILE A 57 30.89 10.29 -26.40
C ILE A 57 30.45 11.73 -26.71
N ALA A 58 29.54 11.86 -27.67
CA ALA A 58 29.07 13.17 -28.12
C ALA A 58 28.04 13.74 -27.14
N GLY A 59 27.85 15.05 -27.20
CA GLY A 59 26.89 15.72 -26.34
C GLY A 59 25.48 15.69 -26.90
N PHE A 60 24.78 16.82 -26.84
CA PHE A 60 23.36 16.85 -27.20
C PHE A 60 23.06 17.57 -28.52
N ILE A 61 24.07 18.19 -29.12
CA ILE A 61 23.89 18.91 -30.38
C ILE A 61 23.39 17.98 -31.49
N GLU A 62 24.02 16.82 -31.63
CA GLU A 62 23.54 15.81 -32.56
C GLU A 62 23.46 14.43 -31.88
N GLY A 63 22.70 14.35 -30.79
CA GLY A 63 22.64 13.10 -30.06
C GLY A 63 21.65 12.91 -28.93
N GLY A 64 20.91 11.82 -29.00
CA GLY A 64 20.11 11.35 -27.88
C GLY A 64 20.75 10.10 -27.34
N TRP A 65 21.14 10.12 -26.08
CA TRP A 65 21.86 9.01 -25.48
C TRP A 65 20.97 7.80 -25.22
N THR A 66 21.12 6.77 -26.06
CA THR A 66 20.43 5.50 -25.83
C THR A 66 21.03 4.80 -24.61
N GLY A 67 22.29 5.10 -24.33
CA GLY A 67 22.98 4.47 -23.21
C GLY A 67 22.62 5.07 -21.87
N MET A 68 21.78 6.10 -21.91
CA MET A 68 21.35 6.77 -20.70
C MET A 68 19.91 6.38 -20.38
N VAL A 69 19.74 5.62 -19.29
CA VAL A 69 18.45 4.99 -18.99
C VAL A 69 17.86 5.44 -17.66
N ASP A 70 18.59 6.25 -16.91
CA ASP A 70 18.15 6.63 -15.58
C ASP A 70 17.27 7.88 -15.56
N GLY A 71 17.03 8.46 -16.73
CA GLY A 71 16.20 9.65 -16.80
C GLY A 71 16.15 10.34 -18.16
N TRP A 72 15.59 11.54 -18.17
CA TRP A 72 15.42 12.34 -19.38
C TRP A 72 16.63 13.21 -19.68
N TYR A 73 16.98 14.06 -18.73
CA TYR A 73 18.14 14.94 -18.88
C TYR A 73 19.26 14.54 -17.93
N GLY A 74 20.51 14.59 -18.41
CA GLY A 74 21.64 14.20 -17.61
C GLY A 74 22.99 14.36 -18.27
N TYR A 75 24.03 13.89 -17.60
CA TYR A 75 25.41 14.10 -18.05
C TYR A 75 26.10 12.80 -18.42
N HIS A 76 27.07 12.86 -19.33
CA HIS A 76 27.97 11.74 -19.55
C HIS A 76 29.43 12.16 -19.35
N HIS A 77 30.00 11.73 -18.24
CA HIS A 77 31.35 12.12 -17.87
C HIS A 77 32.41 11.19 -18.45
N GLN A 78 33.66 11.62 -18.34
CA GLN A 78 34.81 10.81 -18.72
C GLN A 78 36.05 11.39 -18.07
N ASN A 79 36.60 10.66 -17.10
CA ASN A 79 37.82 11.10 -16.44
C ASN A 79 38.81 9.94 -16.30
N GLU A 80 39.72 10.07 -15.34
CA GLU A 80 40.71 9.03 -15.09
C GLU A 80 40.04 7.78 -14.55
N GLN A 81 39.11 7.98 -13.62
CA GLN A 81 38.45 6.87 -12.93
C GLN A 81 37.56 6.04 -13.84
N GLY A 82 37.11 6.65 -14.94
CA GLY A 82 36.24 5.96 -15.87
C GLY A 82 35.23 6.89 -16.51
N SER A 83 34.23 6.31 -17.17
CA SER A 83 33.17 7.09 -17.80
C SER A 83 31.81 6.44 -17.59
N GLY A 84 30.74 7.16 -17.92
CA GLY A 84 29.40 6.62 -17.78
C GLY A 84 28.30 7.67 -17.81
N TYR A 85 27.09 7.22 -18.10
CA TYR A 85 25.94 8.11 -18.15
C TYR A 85 25.30 8.24 -16.76
N ALA A 86 24.76 9.43 -16.47
CA ALA A 86 24.11 9.68 -15.20
C ALA A 86 23.02 10.73 -15.37
N ALA A 87 21.79 10.35 -15.06
CA ALA A 87 20.65 11.24 -15.25
C ALA A 87 20.50 12.23 -14.10
N ASP A 88 20.17 13.48 -14.43
CA ASP A 88 19.87 14.47 -13.41
C ASP A 88 18.45 14.24 -12.92
N GLN A 89 18.34 13.67 -11.73
CA GLN A 89 17.07 13.27 -11.15
C GLN A 89 16.13 14.45 -10.89
N LYS A 90 16.70 15.57 -10.43
CA LYS A 90 15.95 16.79 -10.16
C LYS A 90 15.30 17.32 -11.43
N SER A 91 16.12 17.53 -12.46
CA SER A 91 15.65 18.06 -13.73
C SER A 91 14.58 17.18 -14.36
N THR A 92 14.89 15.89 -14.47
CA THR A 92 13.99 14.91 -15.08
C THR A 92 12.63 14.90 -14.40
N GLN A 93 12.63 14.97 -13.08
CA GLN A 93 11.38 14.89 -12.35
C GLN A 93 10.53 16.17 -12.42
N ASN A 94 11.18 17.32 -12.50
CA ASN A 94 10.45 18.56 -12.68
C ASN A 94 9.74 18.55 -14.02
N ALA A 95 10.43 18.03 -15.04
CA ALA A 95 9.85 17.90 -16.36
C ALA A 95 8.66 16.96 -16.30
N ILE A 96 8.85 15.82 -15.66
CA ILE A 96 7.79 14.81 -15.54
C ILE A 96 6.62 15.35 -14.71
N ASN A 97 6.93 16.06 -13.62
CA ASN A 97 5.91 16.66 -12.78
C ASN A 97 5.04 17.65 -13.57
N GLY A 98 5.68 18.52 -14.33
CA GLY A 98 4.98 19.53 -15.10
C GLY A 98 4.14 18.97 -16.22
N ILE A 99 4.74 18.08 -17.00
CA ILE A 99 4.05 17.45 -18.13
C ILE A 99 2.87 16.61 -17.67
N THR A 100 3.05 15.89 -16.56
CA THR A 100 1.98 15.09 -15.98
C THR A 100 0.76 15.94 -15.66
N ASN A 101 0.97 17.03 -14.94
CA ASN A 101 -0.12 17.92 -14.55
C ASN A 101 -0.84 18.49 -15.77
N LYS A 102 -0.09 18.67 -16.85
CA LYS A 102 -0.67 19.15 -18.10
C LYS A 102 -1.52 18.07 -18.77
N VAL A 103 -0.92 16.90 -18.99
CA VAL A 103 -1.62 15.76 -19.60
C VAL A 103 -2.91 15.45 -18.85
N ASN A 104 -2.85 15.59 -17.54
CA ASN A 104 -4.02 15.37 -16.70
C ASN A 104 -5.13 16.37 -16.95
N SER A 105 -4.77 17.64 -16.99
CA SER A 105 -5.73 18.69 -17.31
C SER A 105 -6.49 18.34 -18.59
N VAL A 106 -5.76 17.92 -19.62
CA VAL A 106 -6.38 17.50 -20.87
C VAL A 106 -7.43 16.40 -20.66
N ILE A 107 -7.08 15.37 -19.90
CA ILE A 107 -8.05 14.36 -19.51
C ILE A 107 -9.11 14.97 -18.60
N GLU A 108 -8.69 15.85 -17.69
CA GLU A 108 -9.59 16.48 -16.73
C GLU A 108 -10.48 17.56 -17.36
N LYS A 109 -9.92 18.35 -18.27
CA LYS A 109 -10.67 19.42 -18.91
C LYS A 109 -11.75 18.90 -19.84
N MET A 110 -11.41 17.89 -20.63
CA MET A 110 -12.34 17.26 -21.55
C MET A 110 -13.49 16.60 -20.79
N GLY A 111 -13.32 16.49 -19.47
CA GLY A 111 -14.32 15.95 -18.58
C GLY A 111 -15.47 16.90 -18.29
N GLY A 112 -15.63 17.89 -19.15
CA GLY A 112 -16.78 18.78 -19.11
C GLY A 112 -17.76 18.35 -20.17
N ASP A 113 -17.23 17.66 -21.17
CA ASP A 113 -18.04 16.99 -22.18
C ASP A 113 -19.08 16.03 -21.56
N PRO A 114 -18.70 15.21 -20.55
CA PRO A 114 -19.68 14.32 -19.91
C PRO A 114 -20.53 14.97 -18.81
N GLU A 115 -19.91 15.79 -17.97
CA GLU A 115 -20.59 16.47 -16.88
C GLU A 115 -21.85 17.14 -17.39
N TRP A 116 -21.67 17.89 -18.45
CA TRP A 116 -22.77 18.57 -19.09
C TRP A 116 -23.65 17.54 -19.79
N ASP A 117 -23.02 16.49 -20.32
CA ASP A 117 -23.76 15.46 -21.02
C ASP A 117 -24.74 14.73 -20.11
N ARG A 118 -24.27 14.26 -18.95
CA ARG A 118 -25.12 13.54 -17.97
C ARG A 118 -26.58 13.99 -17.94
N GLU A 119 -26.82 15.24 -18.33
CA GLU A 119 -28.15 15.82 -18.38
C GLU A 119 -28.90 15.55 -19.68
N ILE A 120 -28.24 15.73 -20.83
CA ILE A 120 -28.95 15.57 -22.12
C ILE A 120 -29.42 14.14 -22.36
N ASN A 121 -28.98 13.23 -21.49
CA ASN A 121 -29.19 11.80 -21.68
C ASN A 121 -29.97 11.19 -20.53
N ASN A 122 -30.19 11.99 -19.48
CA ASN A 122 -31.17 11.61 -18.48
C ASN A 122 -32.47 12.17 -19.02
N TYR A 123 -32.32 13.07 -19.99
CA TYR A 123 -33.42 13.72 -20.66
C TYR A 123 -33.76 13.00 -21.96
N THR A 124 -32.72 12.57 -22.67
CA THR A 124 -32.92 11.68 -23.80
C THR A 124 -33.65 10.46 -23.24
N SER A 125 -33.12 9.94 -22.14
CA SER A 125 -33.68 8.82 -21.38
C SER A 125 -35.17 8.97 -21.07
N ILE A 126 -35.58 10.18 -20.70
CA ILE A 126 -36.94 10.40 -20.26
C ILE A 126 -37.90 10.46 -21.44
N ILE A 127 -37.36 10.77 -22.61
CA ILE A 127 -38.18 11.03 -23.79
C ILE A 127 -38.62 9.76 -24.55
N TYR A 128 -37.69 8.86 -24.82
CA TYR A 128 -37.98 7.64 -25.57
C TYR A 128 -38.70 6.65 -24.66
N SER A 129 -38.67 6.93 -23.37
CA SER A 129 -39.55 6.27 -22.41
C SER A 129 -40.95 6.85 -22.56
N LEU A 130 -41.03 8.17 -22.72
CA LEU A 130 -42.29 8.86 -22.96
C LEU A 130 -42.80 8.55 -24.37
N ILE A 131 -41.89 8.14 -25.25
CA ILE A 131 -42.26 7.77 -26.60
C ILE A 131 -42.81 6.34 -26.62
N GLU A 132 -42.24 5.47 -25.79
CA GLU A 132 -42.75 4.11 -25.66
C GLU A 132 -44.10 4.09 -24.94
N GLU A 133 -44.37 5.15 -24.18
CA GLU A 133 -45.71 5.38 -23.63
C GLU A 133 -46.69 5.26 -24.75
N SER A 134 -46.55 6.24 -25.65
CA SER A 134 -47.54 6.55 -26.66
C SER A 134 -47.60 5.48 -27.72
N GLN A 135 -46.55 4.67 -27.84
CA GLN A 135 -46.58 3.57 -28.78
C GLN A 135 -47.41 2.42 -28.24
N ASN A 136 -47.40 2.25 -26.93
CA ASN A 136 -48.11 1.14 -26.32
C ASN A 136 -49.59 1.43 -26.03
N GLN A 137 -49.91 2.71 -25.85
CA GLN A 137 -51.28 3.11 -25.57
C GLN A 137 -52.05 3.39 -26.86
N GLN A 138 -51.31 3.59 -27.95
CA GLN A 138 -51.94 3.77 -29.25
C GLN A 138 -52.28 2.43 -29.89
N GLU A 139 -52.30 1.39 -29.06
CA GLU A 139 -52.74 0.08 -29.49
C GLU A 139 -54.20 -0.13 -29.11
N ILE A 148 -59.40 11.96 -34.60
CA ILE A 148 -58.80 12.49 -33.39
C ILE A 148 -57.58 11.66 -33.01
N VAL A 149 -57.72 10.34 -33.08
CA VAL A 149 -56.67 9.43 -32.63
C VAL A 149 -55.46 9.45 -33.55
N GLN A 150 -55.69 9.64 -34.84
CA GLN A 150 -54.57 9.69 -35.78
C GLN A 150 -54.11 11.12 -36.00
N GLN A 151 -54.71 12.05 -35.27
CA GLN A 151 -54.15 13.40 -35.21
C GLN A 151 -52.99 13.27 -34.24
N GLN A 152 -53.13 12.30 -33.34
CA GLN A 152 -52.08 11.96 -32.39
C GLN A 152 -51.07 11.03 -33.04
N ASN A 153 -51.40 10.54 -34.23
CA ASN A 153 -50.49 9.66 -34.96
C ASN A 153 -49.31 10.43 -35.51
N ASN A 154 -49.57 11.30 -36.48
CA ASN A 154 -48.54 12.17 -37.03
C ASN A 154 -48.04 13.20 -36.04
N LEU A 155 -48.68 13.26 -34.88
CA LEU A 155 -48.19 14.10 -33.79
C LEU A 155 -46.96 13.43 -33.18
N LEU A 156 -47.11 12.17 -32.81
CA LEU A 156 -46.01 11.40 -32.25
C LEU A 156 -44.89 11.22 -33.27
N ARG A 157 -45.28 10.94 -34.51
CA ARG A 157 -44.33 10.82 -35.62
C ARG A 157 -43.49 12.09 -35.76
N ALA A 158 -44.11 13.24 -35.51
CA ALA A 158 -43.40 14.52 -35.58
C ALA A 158 -42.36 14.64 -34.49
N ILE A 159 -42.68 14.14 -33.29
CA ILE A 159 -41.78 14.25 -32.15
C ILE A 159 -40.62 13.26 -32.23
N GLU A 160 -40.90 12.01 -32.60
CA GLU A 160 -39.86 11.00 -32.75
C GLU A 160 -38.81 11.45 -33.76
N ALA A 161 -39.28 12.03 -34.85
CA ALA A 161 -38.40 12.59 -35.87
C ALA A 161 -37.61 13.78 -35.32
N GLN A 162 -38.24 14.55 -34.43
CA GLN A 162 -37.54 15.67 -33.79
C GLN A 162 -36.54 15.15 -32.77
N GLN A 163 -36.72 13.91 -32.32
CA GLN A 163 -35.78 13.30 -31.40
C GLN A 163 -34.48 12.94 -32.10
N HIS A 164 -34.60 12.50 -33.35
CA HIS A 164 -33.44 12.19 -34.17
C HIS A 164 -32.70 13.48 -34.56
N LEU A 165 -33.46 14.48 -34.97
CA LEU A 165 -32.91 15.79 -35.31
C LEU A 165 -32.21 16.37 -34.09
N LEU A 166 -32.69 15.97 -32.91
CA LEU A 166 -32.12 16.41 -31.64
C LEU A 166 -30.81 15.71 -31.32
N GLN A 167 -30.75 14.41 -31.61
CA GLN A 167 -29.56 13.61 -31.34
C GLN A 167 -28.44 13.89 -32.34
N LEU A 168 -28.81 14.01 -33.61
CA LEU A 168 -27.88 14.41 -34.65
C LEU A 168 -27.24 15.73 -34.21
N THR A 169 -28.09 16.64 -33.76
CA THR A 169 -27.67 17.95 -33.29
C THR A 169 -26.74 17.90 -32.07
N VAL A 170 -27.09 17.08 -31.08
CA VAL A 170 -26.23 16.88 -29.92
C VAL A 170 -24.94 16.26 -30.40
N TRP A 171 -25.07 15.32 -31.33
CA TRP A 171 -23.88 14.67 -31.86
C TRP A 171 -23.02 15.65 -32.65
N GLY A 172 -23.63 16.73 -33.15
CA GLY A 172 -22.87 17.81 -33.76
C GLY A 172 -21.82 18.33 -32.79
N ILE A 173 -22.16 18.32 -31.51
CA ILE A 173 -21.21 18.69 -30.48
C ILE A 173 -20.05 17.69 -30.41
N LYS A 174 -20.36 16.40 -30.54
CA LYS A 174 -19.30 15.40 -30.63
C LYS A 174 -18.43 15.66 -31.85
N GLN A 175 -19.07 15.91 -32.99
CA GLN A 175 -18.36 16.21 -34.21
C GLN A 175 -17.47 17.44 -34.05
N LEU A 176 -18.05 18.48 -33.47
CA LEU A 176 -17.34 19.76 -33.35
C LEU A 176 -16.35 19.78 -32.19
N GLN A 177 -16.42 18.76 -31.33
CA GLN A 177 -15.46 18.62 -30.24
C GLN A 177 -14.28 17.78 -30.67
N THR A 178 -14.49 16.92 -31.69
CA THR A 178 -13.43 16.12 -32.31
C THR A 178 -12.23 17.01 -32.52
N TYR A 179 -12.54 18.19 -33.01
CA TYR A 179 -11.60 19.14 -33.52
C TYR A 179 -11.00 19.98 -32.38
N ASN A 180 -11.77 20.16 -31.31
CA ASN A 180 -11.22 20.66 -30.05
C ASN A 180 -10.08 19.74 -29.66
N ALA A 181 -10.43 18.47 -29.61
CA ALA A 181 -9.51 17.40 -29.20
C ALA A 181 -8.26 17.38 -30.08
N GLU A 182 -8.46 17.45 -31.39
CA GLU A 182 -7.35 17.34 -32.33
C GLU A 182 -6.30 18.46 -32.25
N LEU A 183 -6.74 19.71 -32.09
CA LEU A 183 -5.80 20.82 -32.03
C LEU A 183 -5.08 20.93 -30.68
N LEU A 184 -5.82 20.73 -29.59
CA LEU A 184 -5.23 20.76 -28.25
C LEU A 184 -4.00 19.86 -28.15
N VAL A 185 -4.10 18.69 -28.74
CA VAL A 185 -3.01 17.73 -28.76
C VAL A 185 -1.79 18.26 -29.53
N LEU A 186 -2.00 18.70 -30.76
CA LEU A 186 -0.91 19.19 -31.62
C LEU A 186 -0.18 20.35 -30.95
N LEU A 187 -0.93 21.20 -30.28
CA LEU A 187 -0.38 22.39 -29.64
C LEU A 187 0.37 22.05 -28.37
N GLU A 188 -0.25 21.23 -27.51
CA GLU A 188 0.41 20.80 -26.28
C GLU A 188 1.64 19.96 -26.57
N ASN A 189 1.67 19.34 -27.75
CA ASN A 189 2.83 18.58 -28.19
C ASN A 189 4.03 19.47 -28.52
N GLU A 190 3.76 20.73 -28.83
CA GLU A 190 4.83 21.66 -29.15
C GLU A 190 5.33 22.36 -27.89
N ARG A 191 4.40 22.83 -27.07
CA ARG A 191 4.73 23.40 -25.76
C ARG A 191 5.59 22.40 -24.97
N THR A 192 5.32 21.11 -25.18
CA THR A 192 6.05 20.04 -24.54
C THR A 192 7.44 19.85 -25.14
N LEU A 193 7.50 19.64 -26.46
CA LEU A 193 8.77 19.45 -27.16
C LEU A 193 9.70 20.65 -26.98
N ASP A 194 9.10 21.84 -26.90
CA ASP A 194 9.84 23.06 -26.58
C ASP A 194 10.36 23.01 -25.15
N PHE A 195 9.47 22.60 -24.23
CA PHE A 195 9.79 22.53 -22.80
C PHE A 195 11.02 21.68 -22.52
N HIS A 196 11.17 20.58 -23.25
CA HIS A 196 12.33 19.71 -23.10
C HIS A 196 13.60 20.45 -23.55
N ASP A 197 13.56 20.96 -24.78
CA ASP A 197 14.65 21.74 -25.36
C ASP A 197 15.11 22.85 -24.40
N SER A 198 14.15 23.41 -23.67
CA SER A 198 14.45 24.40 -22.63
C SER A 198 15.32 23.80 -21.53
N ASN A 199 14.75 22.83 -20.80
CA ASN A 199 15.44 22.19 -19.68
C ASN A 199 16.84 21.69 -20.02
N VAL A 200 16.97 21.12 -21.21
CA VAL A 200 18.26 20.62 -21.70
C VAL A 200 19.28 21.76 -21.78
N LYS A 201 18.91 22.84 -22.46
CA LYS A 201 19.79 23.99 -22.60
C LYS A 201 20.16 24.61 -21.25
N ASN A 202 19.15 24.74 -20.38
CA ASN A 202 19.36 25.27 -19.03
C ASN A 202 20.44 24.52 -18.27
N LEU A 203 20.44 23.20 -18.37
CA LEU A 203 21.44 22.36 -17.73
C LEU A 203 22.84 22.64 -18.28
N TYR A 204 22.92 22.80 -19.60
CA TYR A 204 24.18 23.13 -20.24
C TYR A 204 24.70 24.49 -19.78
N GLU A 205 23.80 25.47 -19.70
CA GLU A 205 24.16 26.81 -19.27
C GLU A 205 24.61 26.83 -17.80
N LYS A 206 23.93 26.05 -16.98
CA LYS A 206 24.26 25.95 -15.56
C LYS A 206 25.67 25.40 -15.38
N VAL A 207 26.07 24.49 -16.27
CA VAL A 207 27.40 23.91 -16.23
C VAL A 207 28.45 24.86 -16.83
N LYS A 208 28.11 25.44 -17.99
CA LYS A 208 28.95 26.44 -18.65
C LYS A 208 29.25 27.59 -17.70
N SER A 209 28.28 27.92 -16.86
CA SER A 209 28.40 29.00 -15.88
C SER A 209 29.49 28.70 -14.86
N GLN A 210 29.43 27.53 -14.25
CA GLN A 210 30.38 27.16 -13.20
C GLN A 210 31.80 27.03 -13.76
N LEU A 211 31.93 26.26 -14.82
CA LEU A 211 33.23 25.98 -15.44
C LEU A 211 33.94 27.26 -15.89
N LYS A 212 33.19 28.18 -16.48
CA LYS A 212 33.74 29.40 -17.04
C LYS A 212 34.86 29.09 -18.04
N ASN A 213 36.08 29.49 -17.70
CA ASN A 213 37.23 29.26 -18.56
C ASN A 213 38.13 28.12 -18.08
N ASN A 214 37.74 27.49 -16.96
CA ASN A 214 38.44 26.30 -16.48
C ASN A 214 38.23 25.12 -17.43
N ALA A 215 37.27 25.27 -18.34
CA ALA A 215 36.96 24.23 -19.32
C ALA A 215 36.77 24.82 -20.71
N LYS A 216 37.12 24.05 -21.73
CA LYS A 216 36.93 24.48 -23.11
C LYS A 216 35.58 24.03 -23.64
N GLU A 217 34.89 24.91 -24.35
CA GLU A 217 33.66 24.54 -25.04
C GLU A 217 33.99 23.86 -26.36
N ILE A 218 33.51 22.63 -26.52
CA ILE A 218 33.75 21.88 -27.75
C ILE A 218 32.72 22.27 -28.81
N GLY A 219 31.53 22.64 -28.33
CA GLY A 219 30.48 23.09 -29.22
C GLY A 219 29.56 21.96 -29.63
N ASN A 220 29.82 20.77 -29.07
CA ASN A 220 28.97 19.62 -29.33
C ASN A 220 28.16 19.22 -28.11
N GLY A 221 28.14 20.10 -27.11
CA GLY A 221 27.43 19.82 -25.88
C GLY A 221 28.36 19.30 -24.80
N CYS A 222 29.64 19.22 -25.11
CA CYS A 222 30.64 18.75 -24.15
C CYS A 222 31.65 19.83 -23.77
N PHE A 223 32.18 19.73 -22.55
CA PHE A 223 33.20 20.65 -22.08
C PHE A 223 34.52 19.92 -21.83
N GLU A 224 35.58 20.37 -22.48
CA GLU A 224 36.90 19.78 -22.24
C GLU A 224 37.63 20.51 -21.12
N PHE A 225 37.75 19.84 -19.98
CA PHE A 225 38.45 20.41 -18.83
C PHE A 225 39.91 20.73 -19.14
N TYR A 226 40.38 21.85 -18.62
CA TYR A 226 41.80 22.18 -18.74
C TYR A 226 42.56 21.61 -17.55
N HIS A 227 41.81 21.07 -16.60
CA HIS A 227 42.39 20.45 -15.42
C HIS A 227 41.72 19.11 -15.21
N LYS A 228 42.45 18.13 -14.68
CA LYS A 228 41.87 16.82 -14.42
C LYS A 228 40.80 16.89 -13.34
N CYS A 229 39.59 16.48 -13.71
CA CYS A 229 38.45 16.53 -12.80
C CYS A 229 37.98 15.12 -12.47
N ASN A 230 38.29 14.66 -11.26
CA ASN A 230 37.90 13.33 -10.83
C ASN A 230 36.39 13.21 -10.59
N ASN A 231 35.95 12.03 -10.18
CA ASN A 231 34.54 11.78 -9.93
C ASN A 231 33.92 12.76 -8.95
N GLU A 232 34.66 13.11 -7.91
CA GLU A 232 34.18 14.05 -6.92
C GLU A 232 33.99 15.43 -7.54
N CYS A 233 34.95 15.82 -8.36
CA CYS A 233 34.90 17.09 -9.06
C CYS A 233 33.66 17.13 -9.94
N MET A 234 33.36 15.99 -10.57
CA MET A 234 32.19 15.87 -11.44
C MET A 234 30.89 16.04 -10.66
N GLU A 235 30.80 15.39 -9.50
CA GLU A 235 29.62 15.51 -8.64
C GLU A 235 29.42 16.96 -8.23
N SER A 236 30.52 17.65 -7.96
CA SER A 236 30.49 19.07 -7.58
C SER A 236 29.92 19.93 -8.69
N VAL A 237 30.22 19.57 -9.93
CA VAL A 237 29.67 20.26 -11.10
C VAL A 237 28.19 19.92 -11.23
N LYS A 238 27.84 18.68 -10.90
CA LYS A 238 26.46 18.21 -10.96
C LYS A 238 25.60 18.89 -9.90
N ASN A 239 26.02 18.83 -8.65
CA ASN A 239 25.25 19.43 -7.56
C ASN A 239 25.56 20.91 -7.33
N GLY A 240 26.13 21.56 -8.33
CA GLY A 240 26.29 23.00 -8.33
C GLY A 240 27.24 23.58 -7.29
N THR A 241 28.24 22.81 -6.88
CA THR A 241 29.22 23.30 -5.91
C THR A 241 30.64 23.22 -6.46
N TYR A 242 30.80 23.61 -7.72
CA TYR A 242 32.12 23.58 -8.37
C TYR A 242 32.99 24.74 -7.89
N ASP A 243 34.17 24.42 -7.38
CA ASP A 243 35.08 25.42 -6.85
C ASP A 243 35.99 25.96 -7.95
N TYR A 244 35.57 27.04 -8.61
CA TYR A 244 36.36 27.65 -9.68
C TYR A 244 37.77 28.10 -9.26
N PRO A 245 37.90 28.84 -8.15
CA PRO A 245 39.25 29.27 -7.75
C PRO A 245 40.19 28.10 -7.48
N LYS A 246 39.64 26.98 -7.00
CA LYS A 246 40.42 25.80 -6.65
C LYS A 246 41.24 25.26 -7.82
N TYR A 247 40.63 25.22 -9.00
CA TYR A 247 41.30 24.70 -10.19
C TYR A 247 41.67 25.80 -11.16
N SER A 248 41.23 27.03 -10.87
CA SER A 248 41.48 28.19 -11.71
C SER A 248 42.88 28.24 -12.30
N GLU A 249 43.87 28.27 -11.43
CA GLU A 249 45.26 28.32 -11.86
C GLU A 249 45.65 27.20 -12.80
N GLU A 250 45.41 25.94 -12.41
CA GLU A 250 45.86 24.82 -13.23
C GLU A 250 45.20 24.74 -14.60
N SER A 251 44.03 25.34 -14.73
CA SER A 251 43.43 25.56 -16.02
C SER A 251 44.16 26.69 -16.73
N LYS A 252 44.54 27.72 -15.95
CA LYS A 252 45.13 28.94 -16.49
C LYS A 252 46.49 28.71 -17.17
N LEU A 253 47.39 27.95 -16.54
CA LEU A 253 48.64 27.58 -17.20
C LEU A 253 48.32 26.71 -18.42
N ASN A 254 47.42 25.75 -18.22
CA ASN A 254 47.06 24.82 -19.29
C ASN A 254 46.54 25.52 -20.55
N ARG A 255 45.81 26.62 -20.35
CA ARG A 255 45.36 27.41 -21.49
C ARG A 255 46.55 28.06 -22.18
N GLU A 256 47.56 28.43 -21.40
CA GLU A 256 48.74 29.08 -21.97
C GLU A 256 49.87 28.09 -22.28
N LYS A 257 49.81 26.89 -21.70
CA LYS A 257 50.78 25.84 -22.02
C LYS A 257 50.82 25.58 -23.52
N ILE A 258 49.64 25.46 -24.11
CA ILE A 258 49.49 25.19 -25.53
C ILE A 258 49.88 26.41 -26.37
N GLU B 1 -4.60 15.55 -0.21
CA GLU B 1 -3.48 14.75 -0.68
C GLU B 1 -4.01 13.52 -1.42
N VAL B 2 -3.11 12.81 -2.10
CA VAL B 2 -3.47 11.66 -2.92
C VAL B 2 -4.01 10.51 -2.08
N GLN B 3 -5.10 9.90 -2.54
CA GLN B 3 -5.64 8.74 -1.87
C GLN B 3 -5.45 7.50 -2.73
N LEU B 4 -4.92 6.45 -2.11
CA LEU B 4 -4.59 5.22 -2.81
C LEU B 4 -5.60 4.12 -2.45
N VAL B 5 -6.37 3.69 -3.44
CA VAL B 5 -7.38 2.66 -3.21
C VAL B 5 -6.99 1.34 -3.87
N GLU B 6 -7.08 0.26 -3.12
CA GLU B 6 -6.63 -1.05 -3.60
C GLU B 6 -7.80 -2.02 -3.75
N SER B 7 -7.66 -2.97 -4.67
CA SER B 7 -8.72 -3.95 -4.94
C SER B 7 -9.02 -4.84 -3.75
N GLY B 8 -10.09 -5.63 -3.86
CA GLY B 8 -10.59 -6.43 -2.75
C GLY B 8 -9.71 -7.61 -2.38
N ALA B 9 -9.94 -8.14 -1.18
CA ALA B 9 -9.22 -9.28 -0.67
C ALA B 9 -9.23 -10.45 -1.65
N GLU B 10 -8.15 -11.22 -1.66
CA GLU B 10 -8.01 -12.35 -2.58
C GLU B 10 -7.72 -13.64 -1.82
N VAL B 11 -8.30 -14.74 -2.30
CA VAL B 11 -7.96 -16.07 -1.80
C VAL B 11 -7.47 -16.90 -2.98
N LYS B 12 -6.29 -17.50 -2.83
CA LYS B 12 -5.70 -18.25 -3.93
C LYS B 12 -5.12 -19.57 -3.44
N LYS B 13 -4.87 -20.48 -4.37
CA LYS B 13 -4.25 -21.77 -4.06
C LYS B 13 -2.75 -21.65 -4.29
N PRO B 14 -1.96 -22.53 -3.66
CA PRO B 14 -0.53 -22.57 -3.97
C PRO B 14 -0.31 -22.84 -5.45
N GLY B 15 0.66 -22.16 -6.04
CA GLY B 15 0.98 -22.36 -7.45
C GLY B 15 0.20 -21.45 -8.39
N SER B 16 -0.89 -20.89 -7.90
CA SER B 16 -1.70 -19.99 -8.72
C SER B 16 -1.16 -18.58 -8.69
N SER B 17 -1.86 -17.65 -9.33
CA SER B 17 -1.44 -16.25 -9.38
C SER B 17 -2.50 -15.33 -8.81
N VAL B 18 -2.08 -14.10 -8.50
CA VAL B 18 -2.99 -13.08 -8.03
C VAL B 18 -2.54 -11.73 -8.59
N LYS B 19 -3.50 -10.91 -8.98
CA LYS B 19 -3.19 -9.59 -9.52
C LYS B 19 -3.98 -8.53 -8.77
N VAL B 20 -3.27 -7.64 -8.08
CA VAL B 20 -3.89 -6.60 -7.30
C VAL B 20 -3.71 -5.26 -8.01
N SER B 21 -4.70 -4.38 -7.88
CA SER B 21 -4.62 -3.05 -8.47
C SER B 21 -4.62 -1.98 -7.39
N CYS B 22 -4.12 -0.81 -7.77
CA CYS B 22 -4.15 0.38 -6.92
C CYS B 22 -4.49 1.57 -7.80
N LYS B 23 -5.48 2.35 -7.38
CA LYS B 23 -5.86 3.52 -8.16
C LYS B 23 -5.55 4.81 -7.39
N ALA B 24 -4.74 5.67 -8.01
CA ALA B 24 -4.40 6.96 -7.40
C ALA B 24 -5.44 8.01 -7.74
N SER B 25 -5.88 8.75 -6.74
CA SER B 25 -6.84 9.84 -6.95
C SER B 25 -6.18 10.99 -7.71
N GLY B 26 -7.00 11.86 -8.27
CA GLY B 26 -6.49 12.91 -9.12
C GLY B 26 -5.88 12.28 -10.36
N GLY B 27 -4.85 12.90 -10.93
CA GLY B 27 -4.20 12.36 -12.10
C GLY B 27 -5.08 12.43 -13.34
N PRO B 28 -5.26 11.28 -14.03
CA PRO B 28 -4.83 9.93 -13.70
C PRO B 28 -3.32 9.71 -13.78
N PHE B 29 -2.66 10.39 -14.71
CA PHE B 29 -1.19 10.30 -14.80
C PHE B 29 -0.54 10.79 -13.52
N ARG B 30 0.53 10.10 -13.14
CA ARG B 30 1.25 10.44 -11.92
C ARG B 30 2.62 11.01 -12.22
N SER B 31 3.10 11.83 -11.30
CA SER B 31 4.39 12.49 -11.42
C SER B 31 5.30 11.99 -10.31
N TYR B 32 5.00 10.78 -9.83
CA TYR B 32 5.77 10.16 -8.77
C TYR B 32 5.74 8.65 -8.98
N ALA B 33 6.69 7.95 -8.39
CA ALA B 33 6.71 6.49 -8.48
C ALA B 33 5.75 5.89 -7.47
N ILE B 34 5.43 4.62 -7.66
CA ILE B 34 4.59 3.87 -6.75
C ILE B 34 5.21 2.50 -6.51
N SER B 35 5.23 2.06 -5.26
CA SER B 35 5.79 0.76 -4.91
C SER B 35 4.74 -0.12 -4.27
N TRP B 36 4.98 -1.43 -4.27
CA TRP B 36 4.13 -2.38 -3.56
C TRP B 36 4.90 -2.94 -2.37
N VAL B 37 4.34 -2.75 -1.18
CA VAL B 37 4.98 -3.19 0.06
C VAL B 37 4.08 -4.18 0.79
N ARG B 38 4.62 -5.35 1.14
CA ARG B 38 3.81 -6.37 1.80
C ARG B 38 4.19 -6.64 3.26
N GLN B 39 3.22 -7.11 4.03
CA GLN B 39 3.42 -7.38 5.45
C GLN B 39 2.71 -8.67 5.84
N ALA B 40 3.50 -9.70 6.17
CA ALA B 40 2.95 -10.94 6.69
C ALA B 40 2.80 -10.81 8.20
N PRO B 41 1.86 -11.57 8.79
CA PRO B 41 1.63 -11.45 10.24
C PRO B 41 2.55 -12.37 11.05
N GLY B 42 3.16 -11.85 12.11
CA GLY B 42 3.12 -10.43 12.38
C GLY B 42 4.54 -9.93 12.26
N GLN B 43 4.92 -9.60 11.04
CA GLN B 43 6.33 -9.33 10.73
C GLN B 43 6.54 -7.89 10.32
N GLY B 44 7.78 -7.58 9.97
CA GLY B 44 8.13 -6.27 9.45
C GLY B 44 7.77 -6.19 7.98
N PRO B 45 7.59 -4.97 7.46
CA PRO B 45 7.23 -4.80 6.05
C PRO B 45 8.35 -5.27 5.13
N GLU B 46 7.98 -5.67 3.93
CA GLU B 46 8.94 -6.04 2.90
C GLU B 46 8.62 -5.25 1.65
N TRP B 47 9.62 -4.59 1.08
CA TRP B 47 9.46 -3.91 -0.18
C TRP B 47 9.59 -4.96 -1.29
N MET B 48 8.65 -4.94 -2.24
CA MET B 48 8.62 -5.94 -3.30
C MET B 48 9.16 -5.38 -4.61
N GLY B 49 8.63 -4.23 -5.00
CA GLY B 49 9.03 -3.58 -6.23
C GLY B 49 8.33 -2.26 -6.42
N GLY B 50 8.65 -1.59 -7.52
CA GLY B 50 8.02 -0.32 -7.85
C GLY B 50 8.05 -0.03 -9.34
N ILE B 51 7.34 1.01 -9.76
CA ILE B 51 7.33 1.42 -11.15
C ILE B 51 7.45 2.94 -11.30
N ILE B 52 8.26 3.36 -12.26
CA ILE B 52 8.52 4.77 -12.49
C ILE B 52 7.51 5.34 -13.49
N PRO B 53 6.95 6.53 -13.21
CA PRO B 53 6.05 7.11 -14.20
C PRO B 53 6.79 7.46 -15.50
N ILE B 54 6.06 7.44 -16.61
CA ILE B 54 6.59 7.76 -17.93
C ILE B 54 7.61 6.74 -18.46
N PHE B 55 8.67 6.48 -17.72
CA PHE B 55 9.66 5.51 -18.15
C PHE B 55 9.12 4.08 -18.05
N GLY B 56 8.28 3.83 -17.07
CA GLY B 56 7.71 2.51 -16.86
C GLY B 56 8.73 1.51 -16.37
N THR B 57 9.93 1.98 -16.05
CA THR B 57 10.97 1.12 -15.51
C THR B 57 10.50 0.48 -14.21
N THR B 58 10.88 -0.77 -14.01
CA THR B 58 10.53 -1.46 -12.79
C THR B 58 11.80 -1.95 -12.10
N LYS B 59 11.81 -1.89 -10.78
CA LYS B 59 12.86 -2.50 -9.98
C LYS B 59 12.18 -3.41 -9.01
N TYR B 60 12.75 -4.57 -8.76
CA TYR B 60 12.11 -5.50 -7.84
C TYR B 60 13.09 -5.99 -6.78
N ALA B 61 12.58 -6.17 -5.58
CA ALA B 61 13.35 -6.81 -4.53
C ALA B 61 13.76 -8.19 -5.02
N PRO B 62 15.00 -8.60 -4.72
CA PRO B 62 15.54 -9.84 -5.27
C PRO B 62 14.80 -11.07 -4.77
N LYS B 63 14.19 -10.95 -3.60
CA LYS B 63 13.39 -12.02 -3.05
C LYS B 63 12.15 -12.33 -3.90
N PHE B 64 11.62 -11.30 -4.57
CA PHE B 64 10.44 -11.46 -5.42
C PHE B 64 10.77 -11.35 -6.90
N GLN B 65 11.91 -10.74 -7.18
CA GLN B 65 12.52 -10.70 -8.50
C GLN B 65 12.35 -12.08 -9.14
N GLY B 66 11.50 -12.16 -10.16
CA GLY B 66 11.25 -13.43 -10.83
C GLY B 66 9.79 -13.85 -10.94
N ARG B 67 8.98 -13.49 -9.96
CA ARG B 67 7.59 -13.92 -9.96
C ARG B 67 6.63 -12.78 -9.64
N VAL B 68 7.12 -11.56 -9.66
CA VAL B 68 6.29 -10.38 -9.47
C VAL B 68 6.36 -9.53 -10.74
N THR B 69 5.23 -8.95 -11.13
CA THR B 69 5.20 -8.09 -12.31
C THR B 69 4.41 -6.82 -12.02
N ILE B 70 5.08 -5.69 -12.11
CA ILE B 70 4.43 -4.42 -11.84
C ILE B 70 4.17 -3.67 -13.13
N THR B 71 2.89 -3.46 -13.42
CA THR B 71 2.47 -2.79 -14.63
C THR B 71 1.67 -1.55 -14.26
N ALA B 72 1.52 -0.65 -15.23
CA ALA B 72 0.77 0.58 -14.99
C ALA B 72 -0.21 0.88 -16.13
N ASP B 73 -1.41 1.30 -15.76
CA ASP B 73 -2.36 1.86 -16.70
C ASP B 73 -2.48 3.33 -16.35
N ASP B 74 -1.72 4.17 -17.06
CA ASP B 74 -1.63 5.59 -16.71
C ASP B 74 -2.93 6.36 -16.93
N PHE B 75 -3.66 6.02 -17.98
CA PHE B 75 -4.96 6.64 -18.23
C PHE B 75 -5.98 6.26 -17.17
N ALA B 76 -5.88 5.03 -16.67
CA ALA B 76 -6.76 4.56 -15.61
C ALA B 76 -6.27 5.05 -14.25
N GLY B 77 -5.12 5.72 -14.25
CA GLY B 77 -4.45 6.13 -13.02
C GLY B 77 -4.30 4.95 -12.10
N THR B 78 -3.96 3.81 -12.67
CA THR B 78 -3.97 2.55 -11.96
C THR B 78 -2.69 1.77 -12.25
N VAL B 79 -2.09 1.23 -11.19
CA VAL B 79 -0.95 0.35 -11.35
C VAL B 79 -1.35 -1.03 -10.87
N TYR B 80 -0.59 -2.05 -11.27
CA TYR B 80 -0.94 -3.40 -10.92
C TYR B 80 0.25 -4.18 -10.38
N MET B 81 -0.03 -5.13 -9.50
CA MET B 81 1.00 -6.03 -9.02
C MET B 81 0.50 -7.46 -9.19
N GLU B 82 1.26 -8.26 -9.93
CA GLU B 82 0.89 -9.65 -10.15
C GLU B 82 1.96 -10.57 -9.60
N LEU B 83 1.61 -11.33 -8.57
CA LEU B 83 2.53 -12.28 -7.97
C LEU B 83 2.12 -13.71 -8.30
N SER B 84 3.01 -14.42 -8.99
CA SER B 84 2.74 -15.80 -9.39
C SER B 84 3.45 -16.79 -8.48
N SER B 85 3.29 -18.08 -8.79
CA SER B 85 3.88 -19.18 -8.01
C SER B 85 3.67 -18.99 -6.52
N LEU B 86 2.42 -18.74 -6.13
CA LEU B 86 2.08 -18.44 -4.74
C LEU B 86 2.41 -19.59 -3.78
N ARG B 87 2.96 -19.21 -2.63
CA ARG B 87 3.20 -20.15 -1.54
C ARG B 87 2.39 -19.69 -0.34
N SER B 88 2.25 -20.55 0.66
CA SER B 88 1.43 -20.23 1.84
C SER B 88 1.97 -19.03 2.61
N GLU B 89 3.29 -18.83 2.58
CA GLU B 89 3.90 -17.69 3.23
C GLU B 89 3.75 -16.40 2.42
N ASP B 90 3.06 -16.48 1.28
CA ASP B 90 2.73 -15.29 0.52
C ASP B 90 1.42 -14.69 1.05
N THR B 91 0.87 -15.35 2.05
CA THR B 91 -0.28 -14.82 2.79
C THR B 91 0.14 -13.58 3.56
N ALA B 92 -0.44 -12.44 3.20
CA ALA B 92 -0.04 -11.18 3.78
C ALA B 92 -1.00 -10.05 3.46
N MET B 93 -0.78 -8.91 4.10
CA MET B 93 -1.44 -7.67 3.74
C MET B 93 -0.52 -6.93 2.77
N TYR B 94 -1.08 -6.51 1.64
CA TYR B 94 -0.29 -5.85 0.60
C TYR B 94 -0.68 -4.38 0.43
N TYR B 95 0.29 -3.49 0.57
CA TYR B 95 0.05 -2.05 0.47
C TYR B 95 0.65 -1.44 -0.79
N CYS B 96 -0.11 -0.58 -1.46
CA CYS B 96 0.48 0.31 -2.45
C CYS B 96 0.86 1.61 -1.74
N ALA B 97 2.01 2.17 -2.11
CA ALA B 97 2.50 3.38 -1.48
C ALA B 97 3.21 4.22 -2.52
N LYS B 98 2.91 5.51 -2.53
CA LYS B 98 3.54 6.44 -3.46
C LYS B 98 4.80 7.03 -2.86
N HIS B 99 5.75 7.41 -3.72
CA HIS B 99 6.94 8.09 -3.26
C HIS B 99 6.79 9.59 -3.49
N MET B 100 7.79 10.36 -3.09
CA MET B 100 7.76 11.81 -3.24
C MET B 100 8.11 12.26 -4.65
N GLY B 101 9.07 11.57 -5.28
CA GLY B 101 9.47 11.87 -6.65
C GLY B 101 9.23 10.67 -7.55
N TYR B 102 9.78 10.71 -8.76
CA TYR B 102 9.61 9.59 -9.69
C TYR B 102 10.48 8.43 -9.32
N GLN B 103 11.37 8.63 -8.35
CA GLN B 103 12.29 7.58 -8.02
C GLN B 103 11.92 6.80 -6.77
N VAL B 104 11.80 5.50 -6.97
CA VAL B 104 11.62 4.55 -5.90
C VAL B 104 12.73 4.74 -4.88
N ARG B 105 12.34 5.02 -3.64
CA ARG B 105 13.30 5.07 -2.55
C ARG B 105 12.60 4.79 -1.24
N GLU B 106 13.36 4.82 -0.15
CA GLU B 106 12.84 4.45 1.17
C GLU B 106 11.68 5.33 1.64
N THR B 107 11.47 6.45 0.97
CA THR B 107 10.43 7.38 1.41
C THR B 107 9.10 7.18 0.67
N MET B 108 8.15 6.59 1.37
CA MET B 108 6.78 6.49 0.89
C MET B 108 5.88 7.30 1.82
N ASP B 109 5.33 8.40 1.30
CA ASP B 109 4.61 9.35 2.13
C ASP B 109 3.12 9.03 2.29
N VAL B 110 2.52 8.44 1.26
CA VAL B 110 1.11 8.07 1.32
C VAL B 110 0.97 6.58 1.06
N TRP B 111 0.07 5.94 1.81
CA TRP B 111 -0.11 4.51 1.73
C TRP B 111 -1.55 4.15 1.41
N GLY B 112 -1.71 3.08 0.64
CA GLY B 112 -3.01 2.45 0.52
C GLY B 112 -3.31 1.78 1.84
N LYS B 113 -4.55 1.33 2.01
CA LYS B 113 -4.98 0.78 3.29
C LYS B 113 -4.62 -0.68 3.43
N GLY B 114 -4.22 -1.28 2.32
CA GLY B 114 -3.88 -2.68 2.31
C GLY B 114 -5.08 -3.54 1.99
N THR B 115 -4.83 -4.60 1.24
CA THR B 115 -5.83 -5.61 0.99
C THR B 115 -5.20 -6.96 1.34
N THR B 116 -6.00 -7.90 1.80
CA THR B 116 -5.48 -9.18 2.24
C THR B 116 -5.45 -10.22 1.12
N VAL B 117 -4.35 -10.94 0.99
CA VAL B 117 -4.29 -12.11 0.13
C VAL B 117 -4.01 -13.35 0.97
N THR B 118 -4.83 -14.37 0.84
CA THR B 118 -4.67 -15.60 1.60
C THR B 118 -4.33 -16.74 0.66
N VAL B 119 -3.23 -17.42 0.95
CA VAL B 119 -2.80 -18.55 0.14
C VAL B 119 -2.85 -19.84 0.95
N SER B 120 -3.80 -20.70 0.59
CA SER B 120 -4.01 -21.93 1.32
C SER B 120 -4.46 -23.03 0.38
N SER B 121 -4.31 -24.26 0.82
CA SER B 121 -4.66 -25.40 -0.02
C SER B 121 -6.11 -25.84 0.16
N ALA B 122 -6.87 -25.11 0.98
CA ALA B 122 -8.25 -25.48 1.28
C ALA B 122 -9.25 -24.77 0.37
N SER B 123 -10.53 -25.08 0.56
CA SER B 123 -11.60 -24.47 -0.23
C SER B 123 -12.57 -23.69 0.66
N THR B 124 -13.66 -23.21 0.08
CA THR B 124 -14.62 -22.40 0.81
C THR B 124 -15.70 -23.25 1.50
N LYS B 125 -15.73 -23.16 2.82
CA LYS B 125 -16.63 -23.99 3.63
C LYS B 125 -17.37 -23.17 4.68
N GLY B 126 -18.66 -23.42 4.83
CA GLY B 126 -19.44 -22.76 5.87
C GLY B 126 -19.06 -23.29 7.25
N PRO B 127 -19.29 -22.49 8.29
CA PRO B 127 -18.88 -22.93 9.63
C PRO B 127 -19.93 -23.78 10.33
N SER B 128 -19.59 -24.27 11.51
CA SER B 128 -20.57 -24.89 12.40
C SER B 128 -20.66 -24.02 13.65
N VAL B 129 -21.88 -23.84 14.15
CA VAL B 129 -22.09 -22.96 15.30
C VAL B 129 -22.44 -23.74 16.55
N PHE B 130 -21.59 -23.64 17.58
CA PHE B 130 -21.83 -24.31 18.85
C PHE B 130 -22.04 -23.30 19.97
N PRO B 131 -22.91 -23.63 20.93
CA PRO B 131 -23.17 -22.77 22.08
C PRO B 131 -22.14 -22.95 23.18
N LEU B 132 -21.67 -21.84 23.75
CA LEU B 132 -20.83 -21.88 24.94
C LEU B 132 -21.68 -21.53 26.15
N ALA B 133 -22.34 -22.54 26.70
CA ALA B 133 -23.32 -22.38 27.78
C ALA B 133 -22.75 -21.72 29.03
N PRO B 134 -23.57 -20.89 29.70
CA PRO B 134 -23.19 -20.17 30.93
C PRO B 134 -22.63 -21.07 32.01
N SER B 135 -23.51 -21.85 32.65
CA SER B 135 -23.16 -22.75 33.77
C SER B 135 -22.83 -22.01 35.06
N SER B 136 -22.27 -22.73 36.02
CA SER B 136 -21.96 -22.19 37.34
C SER B 136 -20.48 -21.87 37.48
N LYS B 137 -19.66 -22.48 36.63
CA LYS B 137 -18.23 -22.21 36.60
C LYS B 137 -17.96 -20.86 35.95
N SER B 138 -19.02 -20.18 35.53
CA SER B 138 -18.91 -18.88 34.88
C SER B 138 -19.65 -17.80 35.65
N THR B 139 -20.25 -18.16 36.78
CA THR B 139 -20.94 -17.19 37.61
C THR B 139 -20.06 -16.74 38.77
N SER B 140 -19.35 -15.64 38.56
CA SER B 140 -18.63 -14.99 39.64
C SER B 140 -19.55 -13.95 40.27
N GLY B 141 -20.48 -14.45 41.09
CA GLY B 141 -21.43 -13.64 41.86
C GLY B 141 -21.79 -12.27 41.31
N GLY B 142 -22.80 -12.23 40.45
CA GLY B 142 -23.23 -10.97 39.85
C GLY B 142 -23.46 -11.08 38.36
N THR B 143 -22.39 -11.35 37.62
CA THR B 143 -22.48 -11.47 36.17
C THR B 143 -22.24 -12.89 35.70
N ALA B 144 -22.48 -13.14 34.41
CA ALA B 144 -22.32 -14.47 33.85
C ALA B 144 -22.04 -14.39 32.35
N ALA B 145 -21.09 -15.20 31.88
CA ALA B 145 -20.65 -15.14 30.49
C ALA B 145 -21.17 -16.31 29.67
N LEU B 146 -21.59 -16.01 28.43
CA LEU B 146 -22.09 -17.00 27.49
C LEU B 146 -21.73 -16.55 26.08
N GLY B 147 -21.58 -17.51 25.16
CA GLY B 147 -21.23 -17.17 23.79
C GLY B 147 -21.44 -18.24 22.74
N CYS B 148 -20.78 -18.05 21.59
CA CYS B 148 -20.88 -18.98 20.48
C CYS B 148 -19.52 -19.34 19.89
N LEU B 149 -19.38 -20.59 19.50
CA LEU B 149 -18.16 -21.05 18.86
C LEU B 149 -18.40 -21.31 17.37
N VAL B 150 -17.79 -20.48 16.53
CA VAL B 150 -17.93 -20.60 15.09
C VAL B 150 -16.76 -21.39 14.52
N LYS B 151 -16.98 -22.68 14.26
CA LYS B 151 -15.90 -23.61 13.98
C LYS B 151 -15.73 -23.97 12.50
N ASP B 152 -14.48 -24.06 12.07
CA ASP B 152 -14.12 -24.59 10.75
C ASP B 152 -14.78 -23.89 9.58
N TYR B 153 -14.46 -22.61 9.37
CA TYR B 153 -14.95 -21.90 8.21
C TYR B 153 -13.82 -21.33 7.38
N PHE B 154 -14.15 -20.98 6.13
CA PHE B 154 -13.17 -20.40 5.22
C PHE B 154 -13.89 -19.73 4.06
N PRO B 155 -13.44 -18.52 3.68
CA PRO B 155 -12.39 -17.78 4.36
C PRO B 155 -13.01 -16.78 5.34
N GLU B 156 -12.19 -15.88 5.89
CA GLU B 156 -12.70 -14.73 6.62
C GLU B 156 -13.48 -13.87 5.63
N PRO B 157 -14.39 -13.01 6.12
CA PRO B 157 -14.74 -12.75 7.52
C PRO B 157 -16.03 -13.45 7.93
N VAL B 158 -16.43 -13.25 9.18
CA VAL B 158 -17.71 -13.75 9.67
C VAL B 158 -18.38 -12.69 10.53
N THR B 159 -19.71 -12.64 10.50
CA THR B 159 -20.44 -11.59 11.20
C THR B 159 -21.25 -12.16 12.36
N VAL B 160 -20.96 -11.69 13.56
CA VAL B 160 -21.68 -12.16 14.75
C VAL B 160 -22.37 -11.04 15.50
N SER B 161 -23.70 -11.07 15.51
CA SER B 161 -24.49 -10.14 16.31
C SER B 161 -25.37 -10.90 17.29
N TRP B 162 -25.94 -10.20 18.26
CA TRP B 162 -26.76 -10.83 19.29
C TRP B 162 -28.19 -10.30 19.31
N ASN B 163 -29.14 -11.22 19.46
CA ASN B 163 -30.57 -10.89 19.45
C ASN B 163 -31.00 -10.08 18.23
N SER B 164 -30.46 -10.44 17.08
CA SER B 164 -30.75 -9.79 15.80
C SER B 164 -30.38 -8.29 15.78
N GLY B 165 -29.57 -7.88 16.74
CA GLY B 165 -29.04 -6.52 16.75
C GLY B 165 -29.30 -5.74 18.03
N ALA B 166 -30.13 -6.28 18.91
CA ALA B 166 -30.51 -5.58 20.13
C ALA B 166 -29.36 -5.47 21.14
N LEU B 167 -28.77 -6.61 21.49
CA LEU B 167 -27.66 -6.65 22.43
C LEU B 167 -26.37 -6.16 21.81
N THR B 168 -25.79 -5.11 22.40
CA THR B 168 -24.53 -4.58 21.91
C THR B 168 -23.59 -4.28 23.08
N SER B 169 -24.07 -3.44 24.00
CA SER B 169 -23.30 -3.13 25.20
C SER B 169 -22.99 -4.40 25.97
N GLY B 170 -21.71 -4.68 26.17
CA GLY B 170 -21.29 -5.88 26.87
C GLY B 170 -21.19 -7.08 25.94
N VAL B 171 -20.79 -6.84 24.70
CA VAL B 171 -20.58 -7.93 23.75
C VAL B 171 -19.18 -7.89 23.15
N HIS B 172 -18.45 -8.99 23.29
CA HIS B 172 -17.10 -9.09 22.74
C HIS B 172 -16.97 -10.23 21.74
N THR B 173 -16.48 -9.92 20.55
CA THR B 173 -16.23 -10.93 19.52
C THR B 173 -14.73 -11.02 19.30
N PHE B 174 -14.14 -12.14 19.73
CA PHE B 174 -12.69 -12.34 19.64
C PHE B 174 -12.22 -12.50 18.19
N PRO B 175 -11.02 -12.00 17.89
CA PRO B 175 -10.38 -12.23 16.59
C PRO B 175 -10.18 -13.72 16.39
N ALA B 176 -10.26 -14.18 15.15
CA ALA B 176 -10.20 -15.60 14.85
C ALA B 176 -8.83 -16.20 15.17
N VAL B 177 -8.77 -17.53 15.10
CA VAL B 177 -7.52 -18.25 15.15
C VAL B 177 -7.41 -19.00 13.83
N LEU B 178 -6.19 -19.35 13.43
CA LEU B 178 -5.99 -20.11 12.20
C LEU B 178 -5.37 -21.47 12.51
N GLN B 179 -6.18 -22.51 12.42
CA GLN B 179 -5.74 -23.88 12.70
C GLN B 179 -4.78 -24.37 11.62
N SER B 180 -4.24 -25.57 11.83
CA SER B 180 -3.29 -26.17 10.89
C SER B 180 -4.01 -26.78 9.69
N SER B 181 -5.34 -26.82 9.75
CA SER B 181 -6.13 -27.38 8.66
C SER B 181 -6.37 -26.36 7.57
N GLY B 182 -5.96 -25.12 7.83
CA GLY B 182 -6.18 -24.03 6.90
C GLY B 182 -7.57 -23.46 7.08
N LEU B 183 -8.14 -23.68 8.25
CA LEU B 183 -9.51 -23.25 8.53
C LEU B 183 -9.57 -22.33 9.75
N TYR B 184 -10.55 -21.44 9.76
CA TYR B 184 -10.69 -20.46 10.83
C TYR B 184 -11.71 -20.88 11.89
N SER B 185 -11.59 -20.28 13.06
CA SER B 185 -12.54 -20.48 14.16
C SER B 185 -12.49 -19.28 15.09
N LEU B 186 -13.66 -18.78 15.50
CA LEU B 186 -13.69 -17.69 16.48
C LEU B 186 -14.75 -17.88 17.57
N SER B 187 -14.74 -16.95 18.52
CA SER B 187 -15.70 -16.95 19.61
C SER B 187 -16.28 -15.55 19.80
N SER B 188 -17.55 -15.49 20.19
CA SER B 188 -18.21 -14.23 20.49
C SER B 188 -18.93 -14.36 21.81
N VAL B 189 -18.59 -13.52 22.77
CA VAL B 189 -19.15 -13.61 24.11
C VAL B 189 -19.92 -12.34 24.51
N VAL B 190 -21.06 -12.53 25.17
CA VAL B 190 -21.84 -11.42 25.72
C VAL B 190 -21.89 -11.52 27.24
N THR B 191 -21.61 -10.41 27.92
CA THR B 191 -21.57 -10.38 29.37
C THR B 191 -22.89 -9.85 29.95
N VAL B 192 -23.58 -10.67 30.72
CA VAL B 192 -24.91 -10.33 31.22
C VAL B 192 -25.09 -10.74 32.68
N PRO B 193 -26.02 -10.10 33.40
CA PRO B 193 -26.25 -10.37 34.82
C PRO B 193 -26.69 -11.81 35.13
N SER B 194 -26.39 -12.25 36.34
CA SER B 194 -26.74 -13.60 36.79
C SER B 194 -28.25 -13.83 36.87
N SER B 195 -28.99 -12.81 37.26
CA SER B 195 -30.41 -12.96 37.53
C SER B 195 -31.28 -13.17 36.29
N SER B 196 -30.94 -12.49 35.20
CA SER B 196 -31.74 -12.58 33.98
C SER B 196 -31.55 -13.91 33.25
N LEU B 197 -30.55 -14.68 33.70
CA LEU B 197 -30.09 -15.89 33.01
C LEU B 197 -31.15 -16.85 32.47
N GLY B 198 -32.02 -17.35 33.34
CA GLY B 198 -33.04 -18.30 32.91
C GLY B 198 -34.24 -17.62 32.32
N THR B 199 -34.46 -16.37 32.74
CA THR B 199 -35.59 -15.57 32.29
C THR B 199 -35.34 -15.06 30.88
N GLN B 200 -34.15 -14.52 30.68
CA GLN B 200 -33.84 -13.84 29.42
C GLN B 200 -33.39 -14.83 28.34
N THR B 201 -33.80 -14.54 27.10
CA THR B 201 -33.48 -15.39 25.96
C THR B 201 -32.43 -14.72 25.07
N TYR B 202 -31.35 -15.43 24.82
CA TYR B 202 -30.22 -14.89 24.07
C TYR B 202 -29.89 -15.73 22.83
N ILE B 203 -29.83 -15.08 21.67
CA ILE B 203 -29.54 -15.76 20.41
C ILE B 203 -28.45 -15.04 19.62
N CYS B 204 -27.47 -15.80 19.13
CA CYS B 204 -26.43 -15.24 18.28
C CYS B 204 -26.74 -15.44 16.79
N ASN B 205 -26.43 -14.43 15.98
CA ASN B 205 -26.73 -14.47 14.55
C ASN B 205 -25.46 -14.40 13.71
N VAL B 206 -24.97 -15.57 13.32
CA VAL B 206 -23.73 -15.67 12.56
C VAL B 206 -23.96 -15.56 11.05
N ASN B 207 -23.13 -14.79 10.38
CA ASN B 207 -23.26 -14.60 8.93
C ASN B 207 -21.93 -14.72 8.21
N HIS B 208 -21.81 -15.74 7.36
CA HIS B 208 -20.59 -15.96 6.58
C HIS B 208 -20.89 -15.86 5.10
N LYS B 209 -20.88 -14.63 4.57
CA LYS B 209 -21.28 -14.36 3.19
C LYS B 209 -20.56 -15.12 2.06
N PRO B 210 -19.24 -15.38 2.18
CA PRO B 210 -18.55 -16.14 1.13
C PRO B 210 -19.19 -17.47 0.74
N SER B 211 -19.76 -18.19 1.70
CA SER B 211 -20.41 -19.47 1.40
C SER B 211 -21.93 -19.36 1.51
N ASN B 212 -22.42 -18.14 1.73
CA ASN B 212 -23.84 -17.84 1.78
C ASN B 212 -24.64 -18.64 2.81
N THR B 213 -24.14 -18.67 4.04
CA THR B 213 -24.84 -19.34 5.13
C THR B 213 -25.10 -18.39 6.29
N LYS B 214 -26.36 -18.34 6.73
CA LYS B 214 -26.73 -17.58 7.91
C LYS B 214 -27.25 -18.54 8.95
N VAL B 215 -26.59 -18.60 10.10
CA VAL B 215 -27.00 -19.47 11.19
C VAL B 215 -27.42 -18.65 12.39
N ASP B 216 -28.56 -18.99 12.97
CA ASP B 216 -28.97 -18.44 14.26
C ASP B 216 -29.05 -19.56 15.27
N LYS B 217 -28.44 -19.36 16.43
CA LYS B 217 -28.37 -20.40 17.44
C LYS B 217 -28.68 -19.84 18.83
N ARG B 218 -29.57 -20.51 19.55
CA ARG B 218 -29.89 -20.11 20.91
C ARG B 218 -28.82 -20.61 21.87
N VAL B 219 -28.64 -19.90 22.98
CA VAL B 219 -27.72 -20.32 24.02
C VAL B 219 -28.44 -20.40 25.36
N GLU B 220 -28.53 -21.60 25.91
CA GLU B 220 -29.26 -21.84 27.15
C GLU B 220 -28.45 -22.71 28.09
N PRO B 221 -28.61 -22.50 29.41
CA PRO B 221 -27.99 -23.33 30.43
C PRO B 221 -28.50 -24.77 30.36
N VAL C 3 19.10 -6.91 5.95
CA VAL C 3 18.05 -6.48 6.88
C VAL C 3 18.65 -5.61 7.99
N LEU C 4 17.89 -4.60 8.40
CA LEU C 4 18.33 -3.70 9.47
C LEU C 4 17.93 -4.25 10.83
N THR C 5 18.78 -4.05 11.83
CA THR C 5 18.52 -4.59 13.16
C THR C 5 17.91 -3.54 14.09
N GLN C 6 16.69 -3.79 14.54
CA GLN C 6 16.03 -2.94 15.52
C GLN C 6 15.93 -3.66 16.85
N PRO C 7 15.79 -2.90 17.96
CA PRO C 7 15.43 -3.56 19.20
C PRO C 7 14.02 -4.12 19.05
N PRO C 8 13.82 -5.36 19.51
CA PRO C 8 12.48 -5.93 19.53
C PRO C 8 11.46 -5.06 20.27
N SER C 9 11.88 -4.45 21.39
CA SER C 9 10.97 -3.59 22.16
C SER C 9 11.71 -2.57 23.05
N VAL C 10 11.05 -1.44 23.34
CA VAL C 10 11.59 -0.36 24.18
C VAL C 10 10.43 0.23 25.00
N SER C 11 10.72 0.76 26.19
CA SER C 11 9.66 1.16 27.12
C SER C 11 9.87 2.48 27.88
N ALA C 12 8.77 3.18 28.16
CA ALA C 12 8.76 4.43 28.96
C ALA C 12 7.35 4.92 29.33
N ALA C 13 7.28 5.96 30.16
CA ALA C 13 6.01 6.47 30.69
C ALA C 13 5.59 7.82 30.06
N PRO C 14 4.33 8.29 30.30
CA PRO C 14 3.89 9.59 29.76
C PRO C 14 4.76 10.81 30.14
N GLY C 15 5.16 11.56 29.12
CA GLY C 15 5.98 12.74 29.30
C GLY C 15 7.44 12.39 29.18
N GLN C 16 7.73 11.12 29.39
CA GLN C 16 9.10 10.59 29.39
C GLN C 16 9.61 10.42 27.96
N LYS C 17 10.86 10.05 27.81
CA LYS C 17 11.50 9.95 26.49
C LYS C 17 12.05 8.55 26.19
N VAL C 18 12.11 8.20 24.91
CA VAL C 18 12.60 6.89 24.49
C VAL C 18 13.22 6.93 23.09
N THR C 19 14.25 6.13 22.89
CA THR C 19 14.91 6.04 21.58
C THR C 19 14.95 4.63 20.99
N ILE C 20 14.62 4.54 19.70
CA ILE C 20 14.64 3.29 18.97
C ILE C 20 15.80 3.29 17.98
N SER C 21 16.70 2.32 18.12
CA SER C 21 17.91 2.29 17.31
C SER C 21 17.76 1.44 16.05
N CYS C 22 18.56 1.75 15.04
CA CYS C 22 18.57 0.97 13.81
C CYS C 22 20.01 0.76 13.33
N SER C 23 20.52 -0.45 13.53
CA SER C 23 21.88 -0.79 13.12
C SER C 23 21.88 -1.46 11.76
N GLY C 24 22.71 -0.95 10.84
CA GLY C 24 22.83 -1.50 9.51
C GLY C 24 24.27 -1.79 9.12
N SER C 25 24.60 -1.51 7.87
CA SER C 25 25.97 -1.66 7.38
C SER C 25 26.32 -0.50 6.46
N SER C 26 27.49 -0.57 5.83
CA SER C 26 28.02 0.51 5.02
C SER C 26 27.22 0.69 3.74
N SER C 27 26.65 -0.41 3.26
CA SER C 27 25.95 -0.41 1.99
C SER C 27 24.55 0.19 2.07
N ASN C 28 23.90 0.03 3.22
CA ASN C 28 22.58 0.63 3.41
C ASN C 28 22.64 1.94 4.17
N ILE C 29 22.51 1.87 5.49
CA ILE C 29 22.51 3.05 6.35
C ILE C 29 23.75 3.92 6.15
N GLY C 30 24.89 3.27 5.95
CA GLY C 30 26.17 3.95 5.79
C GLY C 30 26.17 5.07 4.76
N ASN C 31 25.46 4.88 3.65
CA ASN C 31 25.48 5.86 2.57
C ASN C 31 24.12 6.15 1.90
N ASP C 32 23.04 5.99 2.65
CA ASP C 32 21.72 6.33 2.15
C ASP C 32 20.92 7.05 3.23
N TYR C 33 19.78 7.60 2.84
CA TYR C 33 18.91 8.29 3.78
C TYR C 33 17.99 7.31 4.49
N VAL C 34 17.61 7.67 5.71
CA VAL C 34 16.80 6.80 6.55
C VAL C 34 15.42 7.39 6.80
N SER C 35 14.40 6.55 6.62
CA SER C 35 13.03 6.96 6.93
C SER C 35 12.48 6.16 8.12
N TRP C 36 11.50 6.74 8.79
CA TRP C 36 10.84 6.07 9.91
C TRP C 36 9.34 6.03 9.68
N TYR C 37 8.70 4.94 10.10
CA TYR C 37 7.28 4.77 9.91
C TYR C 37 6.60 4.32 11.20
N GLN C 38 5.39 4.80 11.43
CA GLN C 38 4.60 4.34 12.57
C GLN C 38 3.43 3.50 12.11
N GLN C 39 3.17 2.40 12.80
CA GLN C 39 2.02 1.57 12.47
C GLN C 39 1.20 1.20 13.71
N LEU C 40 -0.01 1.76 13.79
CA LEU C 40 -0.96 1.34 14.81
C LEU C 40 -1.54 0.01 14.38
N PRO C 41 -2.22 -0.70 15.31
CA PRO C 41 -2.92 -1.91 14.86
C PRO C 41 -3.98 -1.59 13.81
N GLY C 42 -4.08 -2.42 12.77
CA GLY C 42 -5.11 -2.28 11.76
C GLY C 42 -4.95 -1.09 10.83
N THR C 43 -3.75 -0.50 10.78
CA THR C 43 -3.53 0.66 9.93
C THR C 43 -2.32 0.47 9.02
N ALA C 44 -2.29 1.20 7.91
CA ALA C 44 -1.13 1.21 7.04
C ALA C 44 0.01 1.98 7.71
N PRO C 45 1.27 1.62 7.40
CA PRO C 45 2.40 2.41 7.89
C PRO C 45 2.24 3.87 7.50
N LYS C 46 2.58 4.76 8.41
CA LYS C 46 2.47 6.19 8.19
C LYS C 46 3.85 6.82 8.32
N LEU C 47 4.22 7.66 7.36
CA LEU C 47 5.56 8.25 7.30
C LEU C 47 5.85 9.23 8.44
N LEU C 48 6.83 8.90 9.27
CA LEU C 48 7.22 9.75 10.40
C LEU C 48 8.41 10.64 10.07
N ILE C 49 9.51 10.03 9.66
CA ILE C 49 10.71 10.77 9.33
C ILE C 49 11.21 10.35 7.95
N TYR C 50 11.76 11.30 7.20
CA TYR C 50 12.46 10.99 5.96
C TYR C 50 13.72 11.85 5.89
N ASP C 51 14.66 11.44 5.06
CA ASP C 51 15.94 12.14 4.92
C ASP C 51 16.62 12.36 6.27
N ASN C 52 16.69 11.28 7.05
CA ASN C 52 17.39 11.25 8.34
C ASN C 52 16.70 11.99 9.51
N ASN C 53 16.08 13.13 9.23
CA ASN C 53 15.56 13.96 10.31
C ASN C 53 14.43 14.94 9.94
N LYS C 54 13.92 14.83 8.72
CA LYS C 54 12.84 15.71 8.28
C LYS C 54 11.48 15.17 8.69
N ARG C 55 10.53 16.07 8.92
CA ARG C 55 9.17 15.70 9.29
C ARG C 55 8.18 16.08 8.19
N PRO C 56 7.32 15.13 7.78
CA PRO C 56 6.19 15.52 6.95
C PRO C 56 5.26 16.40 7.77
N SER C 57 4.50 17.27 7.11
CA SER C 57 3.46 18.03 7.79
C SER C 57 2.47 17.05 8.44
N GLY C 58 1.99 17.39 9.62
CA GLY C 58 1.11 16.52 10.38
C GLY C 58 1.87 15.82 11.50
N ILE C 59 3.19 15.82 11.40
CA ILE C 59 4.04 15.20 12.41
C ILE C 59 4.61 16.26 13.34
N PRO C 60 4.36 16.13 14.65
CA PRO C 60 4.76 17.12 15.65
C PRO C 60 6.22 16.96 16.06
N ASP C 61 6.78 18.02 16.66
CA ASP C 61 8.20 18.02 17.06
C ASP C 61 8.51 17.10 18.25
N ARG C 62 7.54 16.27 18.63
CA ARG C 62 7.74 15.31 19.70
C ARG C 62 8.53 14.11 19.17
N PHE C 63 8.44 13.89 17.87
CA PHE C 63 9.24 12.89 17.19
C PHE C 63 10.44 13.53 16.50
N SER C 64 11.57 12.83 16.47
CA SER C 64 12.73 13.32 15.76
C SER C 64 13.70 12.18 15.46
N GLY C 65 14.51 12.36 14.43
CA GLY C 65 15.42 11.31 13.99
C GLY C 65 16.87 11.75 13.85
N SER C 66 17.77 10.79 13.98
CA SER C 66 19.19 11.02 13.78
C SER C 66 19.87 9.82 13.13
N LYS C 67 20.91 10.08 12.36
CA LYS C 67 21.71 9.02 11.74
C LYS C 67 23.19 9.27 11.99
N SER C 68 23.90 8.25 12.46
CA SER C 68 25.34 8.35 12.67
C SER C 68 26.07 7.15 12.08
N GLY C 69 26.77 7.37 10.96
CA GLY C 69 27.50 6.32 10.28
C GLY C 69 26.62 5.17 9.84
N THR C 70 26.73 4.05 10.56
CA THR C 70 26.01 2.83 10.20
C THR C 70 24.76 2.64 11.09
N SER C 71 24.57 3.55 12.04
CA SER C 71 23.40 3.51 12.93
C SER C 71 22.49 4.74 12.82
N ALA C 72 21.20 4.54 13.04
CA ALA C 72 20.22 5.62 13.02
C ALA C 72 19.32 5.52 14.26
N THR C 73 18.70 6.64 14.64
CA THR C 73 17.94 6.67 15.88
C THR C 73 16.65 7.47 15.79
N LEU C 74 15.57 6.88 16.30
CA LEU C 74 14.30 7.58 16.45
C LEU C 74 14.15 7.96 17.91
N GLY C 75 13.74 9.21 18.17
CA GLY C 75 13.55 9.68 19.52
C GLY C 75 12.13 10.18 19.72
N ILE C 76 11.51 9.79 20.82
CA ILE C 76 10.15 10.21 21.12
C ILE C 76 10.05 10.76 22.52
N THR C 77 9.87 12.07 22.63
CA THR C 77 9.72 12.71 23.93
C THR C 77 8.25 12.87 24.26
N GLY C 78 7.98 13.55 25.37
CA GLY C 78 6.61 13.84 25.82
C GLY C 78 5.63 12.71 25.58
N LEU C 79 6.11 11.49 25.78
CA LEU C 79 5.43 10.27 25.35
C LEU C 79 3.96 10.21 25.76
N GLN C 80 3.13 9.66 24.88
CA GLN C 80 1.69 9.60 25.13
C GLN C 80 1.16 8.19 24.97
N THR C 81 -0.15 8.03 25.19
CA THR C 81 -0.77 6.72 25.10
C THR C 81 -0.93 6.27 23.65
N GLY C 82 -1.17 7.23 22.77
CA GLY C 82 -1.40 6.95 21.37
C GLY C 82 -0.15 6.53 20.62
N ASP C 83 1.01 6.72 21.24
CA ASP C 83 2.27 6.40 20.59
C ASP C 83 2.57 4.91 20.65
N GLU C 84 1.77 4.18 21.40
CA GLU C 84 1.94 2.73 21.48
C GLU C 84 1.66 2.07 20.14
N ALA C 85 2.73 1.64 19.48
CA ALA C 85 2.64 1.07 18.15
C ALA C 85 3.92 0.31 17.82
N ASN C 86 4.02 -0.16 16.58
CA ASN C 86 5.26 -0.73 16.09
C ASN C 86 6.01 0.28 15.24
N TYR C 87 7.31 0.36 15.43
CA TYR C 87 8.12 1.35 14.72
C TYR C 87 9.20 0.69 13.85
N TYR C 88 9.18 1.00 12.56
CA TYR C 88 10.13 0.44 11.60
C TYR C 88 10.99 1.52 10.96
N CYS C 89 12.28 1.26 10.87
CA CYS C 89 13.17 2.13 10.10
C CYS C 89 13.26 1.62 8.66
N ALA C 90 13.73 2.48 7.76
CA ALA C 90 13.81 2.10 6.35
C ALA C 90 14.88 2.89 5.60
N THR C 91 15.56 2.24 4.67
CA THR C 91 16.55 2.91 3.83
C THR C 91 16.76 2.20 2.48
N TRP C 92 17.79 2.64 1.78
CA TRP C 92 18.12 2.11 0.46
C TRP C 92 19.37 1.24 0.56
N ASP C 93 19.25 -0.04 0.21
CA ASP C 93 20.41 -0.91 0.20
C ASP C 93 20.91 -1.13 -1.23
N ARG C 94 21.96 -0.39 -1.57
CA ARG C 94 22.50 -0.40 -2.92
C ARG C 94 23.22 -1.70 -3.23
N ARG C 95 23.76 -2.34 -2.19
CA ARG C 95 24.72 -3.42 -2.37
C ARG C 95 24.27 -4.64 -3.17
N PRO C 96 23.15 -5.29 -2.79
CA PRO C 96 22.79 -6.51 -3.53
C PRO C 96 22.44 -6.22 -4.98
N THR C 97 21.17 -6.35 -5.30
CA THR C 97 20.61 -5.57 -6.38
C THR C 97 19.86 -4.53 -5.60
N ALA C 98 19.91 -3.28 -6.06
CA ALA C 98 19.42 -2.15 -5.28
C ALA C 98 17.98 -2.32 -4.85
N TYR C 99 17.73 -2.26 -3.53
CA TYR C 99 16.37 -2.39 -3.02
C TYR C 99 16.16 -1.72 -1.67
N VAL C 100 14.90 -1.36 -1.40
CA VAL C 100 14.52 -0.76 -0.13
C VAL C 100 14.41 -1.83 0.94
N VAL C 101 15.05 -1.59 2.07
CA VAL C 101 15.05 -2.55 3.16
C VAL C 101 14.45 -1.94 4.43
N PHE C 102 13.66 -2.73 5.15
CA PHE C 102 13.05 -2.29 6.39
C PHE C 102 13.69 -2.95 7.61
N GLY C 103 13.58 -2.31 8.76
CA GLY C 103 14.04 -2.87 10.01
C GLY C 103 13.04 -3.86 10.56
N GLY C 104 13.52 -4.81 11.36
CA GLY C 104 12.69 -5.85 11.92
C GLY C 104 11.47 -5.36 12.67
N GLY C 105 11.56 -4.16 13.21
CA GLY C 105 10.44 -3.56 13.93
C GLY C 105 10.63 -3.52 15.42
N THR C 106 10.13 -2.44 16.01
CA THR C 106 10.20 -2.27 17.45
C THR C 106 8.82 -1.98 18.02
N LYS C 107 8.36 -2.88 18.89
CA LYS C 107 7.10 -2.64 19.58
C LYS C 107 7.35 -1.71 20.75
N LEU C 108 6.77 -0.52 20.70
CA LEU C 108 6.89 0.43 21.78
C LEU C 108 5.82 0.15 22.84
N THR C 109 6.21 0.24 24.11
CA THR C 109 5.23 0.13 25.18
C THR C 109 5.29 1.36 26.07
N VAL C 110 4.21 2.14 26.06
CA VAL C 110 4.10 3.26 26.97
C VAL C 110 3.81 2.73 28.35
N LEU C 111 4.84 2.70 29.18
CA LEU C 111 4.72 2.18 30.54
C LEU C 111 3.66 2.94 31.34
N GLN C 117 0.53 2.60 31.77
CA GLN C 117 -0.90 2.39 32.03
C GLN C 117 -1.11 1.60 33.32
N PRO C 118 -2.31 1.73 33.93
CA PRO C 118 -2.56 0.94 35.14
C PRO C 118 -2.57 -0.53 34.78
N LYS C 119 -1.69 -1.32 35.40
CA LYS C 119 -1.69 -2.75 35.16
C LYS C 119 -3.07 -3.31 35.43
N ALA C 120 -3.61 -4.02 34.44
CA ALA C 120 -4.91 -4.65 34.59
C ALA C 120 -4.73 -6.16 34.62
N ALA C 121 -5.05 -6.76 35.77
CA ALA C 121 -5.04 -8.21 35.88
C ALA C 121 -6.13 -8.80 34.98
N PRO C 122 -5.80 -9.90 34.27
CA PRO C 122 -6.69 -10.50 33.28
C PRO C 122 -7.85 -11.28 33.88
N SER C 123 -9.00 -11.25 33.21
CA SER C 123 -10.16 -12.06 33.57
C SER C 123 -10.26 -13.25 32.63
N VAL C 124 -10.49 -14.44 33.19
CA VAL C 124 -10.39 -15.68 32.43
C VAL C 124 -11.66 -16.53 32.49
N THR C 125 -12.18 -16.89 31.31
CA THR C 125 -13.38 -17.71 31.21
C THR C 125 -13.12 -18.99 30.42
N LEU C 126 -13.53 -20.13 30.99
CA LEU C 126 -13.30 -21.43 30.36
C LEU C 126 -14.61 -22.17 30.09
N PHE C 127 -14.85 -22.50 28.82
CA PHE C 127 -16.00 -23.32 28.44
C PHE C 127 -15.53 -24.73 28.06
N PRO C 128 -16.34 -25.75 28.39
CA PRO C 128 -16.10 -27.13 27.96
C PRO C 128 -16.76 -27.37 26.60
N PRO C 129 -16.50 -28.54 25.97
CA PRO C 129 -17.18 -28.85 24.71
C PRO C 129 -18.70 -28.86 24.86
N SER C 130 -19.41 -28.24 23.92
CA SER C 130 -20.86 -28.30 23.92
C SER C 130 -21.32 -29.72 23.59
N SER C 131 -22.54 -30.07 24.01
CA SER C 131 -23.02 -31.44 23.81
C SER C 131 -23.33 -31.73 22.35
N GLU C 132 -23.68 -30.70 21.59
CA GLU C 132 -23.91 -30.87 20.16
C GLU C 132 -22.60 -31.09 19.42
N GLU C 133 -21.51 -30.56 19.96
CA GLU C 133 -20.21 -30.74 19.36
C GLU C 133 -19.68 -32.14 19.59
N LEU C 134 -19.87 -32.65 20.80
CA LEU C 134 -19.51 -34.04 21.12
C LEU C 134 -20.36 -34.99 20.30
N GLN C 135 -21.59 -34.57 20.01
CA GLN C 135 -22.53 -35.36 19.23
C GLN C 135 -22.11 -35.39 17.76
N ALA C 136 -21.26 -34.44 17.36
CA ALA C 136 -20.75 -34.40 15.99
C ALA C 136 -19.33 -34.98 15.93
N ASN C 137 -18.94 -35.66 17.00
CA ASN C 137 -17.66 -36.36 17.10
C ASN C 137 -16.42 -35.45 17.17
N LYS C 138 -16.59 -34.26 17.75
CA LYS C 138 -15.46 -33.34 17.96
C LYS C 138 -15.50 -32.77 19.38
N ALA C 139 -14.39 -32.20 19.81
CA ALA C 139 -14.30 -31.63 21.16
C ALA C 139 -13.35 -30.44 21.22
N THR C 140 -13.88 -29.28 21.58
CA THR C 140 -13.08 -28.05 21.63
C THR C 140 -13.24 -27.29 22.93
N LEU C 141 -12.16 -27.22 23.71
CA LEU C 141 -12.12 -26.39 24.91
C LEU C 141 -11.79 -24.96 24.51
N VAL C 142 -12.45 -23.99 25.15
CA VAL C 142 -12.28 -22.59 24.78
C VAL C 142 -11.91 -21.73 25.99
N CYS C 143 -10.68 -21.22 26.01
CA CYS C 143 -10.21 -20.34 27.07
C CYS C 143 -10.11 -18.90 26.57
N LEU C 144 -10.94 -18.03 27.13
CA LEU C 144 -11.04 -16.64 26.67
C LEU C 144 -10.54 -15.66 27.72
N ILE C 145 -9.59 -14.82 27.34
CA ILE C 145 -8.91 -13.92 28.26
C ILE C 145 -9.09 -12.47 27.82
N SER C 146 -9.57 -11.62 28.74
CA SER C 146 -9.92 -10.26 28.38
C SER C 146 -9.57 -9.22 29.44
N ASP C 147 -9.42 -7.97 29.00
CA ASP C 147 -9.22 -6.82 29.87
C ASP C 147 -7.90 -6.79 30.64
N PHE C 148 -6.82 -7.24 30.00
CA PHE C 148 -5.51 -7.22 30.65
C PHE C 148 -4.57 -6.17 30.06
N TYR C 149 -3.71 -5.62 30.91
CA TYR C 149 -2.65 -4.72 30.48
C TYR C 149 -1.43 -4.85 31.41
N PRO C 150 -0.22 -4.90 30.84
CA PRO C 150 0.11 -4.87 29.41
C PRO C 150 -0.33 -6.13 28.66
N GLY C 151 -0.32 -6.08 27.35
CA GLY C 151 -0.90 -7.13 26.54
C GLY C 151 0.02 -8.27 26.17
N ALA C 152 0.57 -8.93 27.18
CA ALA C 152 1.42 -10.09 26.94
C ALA C 152 1.15 -11.20 27.95
N VAL C 153 0.62 -12.32 27.46
CA VAL C 153 0.29 -13.46 28.31
C VAL C 153 0.81 -14.75 27.70
N THR C 154 1.14 -15.71 28.57
CA THR C 154 1.44 -17.07 28.13
C THR C 154 0.32 -17.99 28.60
N VAL C 155 0.03 -19.01 27.79
CA VAL C 155 -1.06 -19.95 28.09
C VAL C 155 -0.54 -21.38 28.15
N ALA C 156 -0.91 -22.11 29.20
CA ALA C 156 -0.47 -23.48 29.39
C ALA C 156 -1.63 -24.39 29.82
N TRP C 157 -1.76 -25.52 29.13
CA TRP C 157 -2.86 -26.44 29.41
C TRP C 157 -2.43 -27.61 30.30
N LYS C 158 -3.41 -28.27 30.91
CA LYS C 158 -3.15 -29.33 31.86
C LYS C 158 -4.11 -30.50 31.68
N ALA C 159 -3.58 -31.70 31.48
CA ALA C 159 -4.41 -32.91 31.50
C ALA C 159 -4.39 -33.44 32.92
N ASP C 160 -5.52 -33.34 33.60
CA ASP C 160 -5.59 -33.61 35.05
C ASP C 160 -4.64 -32.71 35.81
N SER C 161 -3.36 -33.08 35.80
CA SER C 161 -2.33 -32.33 36.52
C SER C 161 -1.10 -32.13 35.66
N SER C 162 -0.89 -33.03 34.71
CA SER C 162 0.27 -32.96 33.83
C SER C 162 -0.06 -32.20 32.56
N PRO C 163 0.89 -31.37 32.09
CA PRO C 163 0.68 -30.51 30.92
C PRO C 163 0.47 -31.30 29.63
N VAL C 164 -0.30 -30.72 28.70
CA VAL C 164 -0.41 -31.26 27.37
C VAL C 164 -0.11 -30.19 26.33
N LYS C 165 0.76 -30.52 25.38
CA LYS C 165 1.22 -29.53 24.41
C LYS C 165 0.67 -29.80 23.02
N ALA C 166 0.05 -30.97 22.83
CA ALA C 166 -0.50 -31.32 21.52
C ALA C 166 -1.96 -30.92 21.39
N GLY C 167 -2.32 -30.33 20.25
CA GLY C 167 -3.69 -29.95 19.98
C GLY C 167 -4.01 -28.52 20.35
N VAL C 168 -2.99 -27.74 20.71
CA VAL C 168 -3.19 -26.38 21.20
C VAL C 168 -3.06 -25.31 20.12
N GLU C 169 -4.01 -24.37 20.10
CA GLU C 169 -3.97 -23.22 19.21
C GLU C 169 -4.27 -21.93 19.99
N THR C 170 -3.29 -21.04 20.08
CA THR C 170 -3.44 -19.77 20.80
C THR C 170 -3.27 -18.60 19.84
N THR C 171 -4.03 -17.53 20.05
CA THR C 171 -3.93 -16.34 19.23
C THR C 171 -2.89 -15.40 19.82
N THR C 172 -2.44 -14.44 19.02
CA THR C 172 -1.66 -13.34 19.55
C THR C 172 -2.62 -12.41 20.25
N PRO C 173 -2.21 -11.83 21.38
CA PRO C 173 -3.07 -10.89 22.10
C PRO C 173 -3.38 -9.66 21.26
N SER C 174 -4.65 -9.26 21.22
CA SER C 174 -5.05 -8.08 20.44
C SER C 174 -5.78 -7.06 21.30
N LYS C 175 -5.46 -5.78 21.08
CA LYS C 175 -6.06 -4.71 21.85
C LYS C 175 -7.56 -4.59 21.58
N GLN C 176 -8.34 -4.56 22.66
CA GLN C 176 -9.79 -4.47 22.55
C GLN C 176 -10.23 -3.05 22.23
N SER C 177 -11.53 -2.83 22.32
CA SER C 177 -12.10 -1.51 22.09
C SER C 177 -11.76 -0.58 23.25
N ASN C 178 -11.78 -1.11 24.47
CA ASN C 178 -11.55 -0.29 25.65
C ASN C 178 -10.08 -0.17 26.04
N ASN C 179 -9.20 -0.33 25.05
CA ASN C 179 -7.76 -0.10 25.20
C ASN C 179 -7.02 -1.08 26.09
N LYS C 180 -7.67 -2.19 26.42
CA LYS C 180 -6.97 -3.30 27.04
C LYS C 180 -6.80 -4.38 25.98
N TYR C 181 -6.26 -5.53 26.37
CA TYR C 181 -5.97 -6.59 25.41
C TYR C 181 -6.81 -7.84 25.63
N ALA C 182 -6.96 -8.64 24.57
CA ALA C 182 -7.74 -9.87 24.62
C ALA C 182 -7.00 -11.00 23.92
N ALA C 183 -7.36 -12.24 24.27
CA ALA C 183 -6.76 -13.42 23.66
C ALA C 183 -7.64 -14.64 23.84
N SER C 184 -7.56 -15.57 22.89
CA SER C 184 -8.32 -16.79 22.93
C SER C 184 -7.39 -17.99 22.82
N SER C 185 -7.78 -19.12 23.38
CA SER C 185 -7.00 -20.34 23.26
C SER C 185 -7.91 -21.56 23.17
N TYR C 186 -7.67 -22.38 22.15
CA TYR C 186 -8.52 -23.53 21.88
C TYR C 186 -7.71 -24.84 21.93
N LEU C 187 -8.23 -25.80 22.68
CA LEU C 187 -7.63 -27.13 22.74
C LEU C 187 -8.54 -28.13 22.01
N SER C 188 -8.06 -28.66 20.89
CA SER C 188 -8.85 -29.59 20.09
C SER C 188 -8.58 -31.04 20.50
N LEU C 189 -9.60 -31.69 21.05
CA LEU C 189 -9.48 -33.07 21.50
C LEU C 189 -10.46 -33.98 20.79
N THR C 190 -10.30 -35.27 21.01
CA THR C 190 -11.32 -36.25 20.63
C THR C 190 -12.25 -36.35 21.84
N PRO C 191 -13.53 -36.66 21.59
CA PRO C 191 -14.52 -36.81 22.66
C PRO C 191 -14.08 -37.86 23.68
N GLU C 192 -13.23 -38.77 23.24
CA GLU C 192 -12.80 -39.89 24.06
C GLU C 192 -11.72 -39.41 25.03
N GLN C 193 -10.75 -38.67 24.50
CA GLN C 193 -9.74 -38.01 25.33
C GLN C 193 -10.41 -37.12 26.37
N TRP C 194 -11.48 -36.47 25.94
CA TRP C 194 -12.24 -35.57 26.80
C TRP C 194 -12.90 -36.30 27.95
N LYS C 195 -13.57 -37.40 27.65
CA LYS C 195 -14.19 -38.22 28.68
C LYS C 195 -13.17 -39.09 29.40
N SER C 196 -11.99 -39.22 28.81
CA SER C 196 -10.94 -40.05 29.41
C SER C 196 -10.33 -39.43 30.67
N HIS C 197 -10.28 -38.11 30.75
CA HIS C 197 -9.63 -37.43 31.86
C HIS C 197 -10.62 -36.96 32.93
N ARG C 198 -10.09 -36.54 34.08
CA ARG C 198 -10.97 -36.08 35.15
C ARG C 198 -11.38 -34.60 35.03
N SER C 199 -10.47 -33.81 34.47
CA SER C 199 -10.68 -32.38 34.31
C SER C 199 -9.48 -31.81 33.57
N TYR C 200 -9.69 -30.67 32.92
CA TYR C 200 -8.62 -29.97 32.24
C TYR C 200 -8.51 -28.59 32.83
N SER C 201 -7.32 -28.00 32.73
CA SER C 201 -7.11 -26.66 33.25
C SER C 201 -6.44 -25.73 32.25
N CYS C 202 -6.96 -24.52 32.18
CA CYS C 202 -6.37 -23.46 31.37
C CYS C 202 -5.64 -22.50 32.29
N GLN C 203 -4.34 -22.31 32.05
CA GLN C 203 -3.52 -21.51 32.96
C GLN C 203 -2.88 -20.28 32.32
N VAL C 204 -3.39 -19.11 32.70
CA VAL C 204 -2.91 -17.84 32.17
C VAL C 204 -1.92 -17.18 33.13
N THR C 205 -0.76 -16.82 32.60
CA THR C 205 0.27 -16.15 33.40
C THR C 205 0.54 -14.74 32.89
N HIS C 206 0.11 -13.75 33.67
CA HIS C 206 0.25 -12.35 33.28
C HIS C 206 0.97 -11.52 34.34
N GLU C 207 2.12 -10.98 33.97
CA GLU C 207 2.93 -10.16 34.86
C GLU C 207 3.25 -10.86 36.18
N GLY C 208 3.84 -12.04 36.10
CA GLY C 208 4.26 -12.78 37.28
C GLY C 208 3.14 -13.24 38.19
N SER C 209 1.91 -13.23 37.67
CA SER C 209 0.76 -13.72 38.43
C SER C 209 0.09 -14.86 37.67
N THR C 210 -0.66 -15.68 38.40
CA THR C 210 -1.27 -16.85 37.79
C THR C 210 -2.76 -16.97 38.06
N VAL C 211 -3.52 -17.10 36.97
CA VAL C 211 -4.95 -17.39 37.04
C VAL C 211 -5.20 -18.73 36.38
N GLU C 212 -6.02 -19.56 37.02
CA GLU C 212 -6.31 -20.89 36.48
C GLU C 212 -7.75 -21.32 36.70
N LYS C 213 -8.44 -21.67 35.62
CA LYS C 213 -9.81 -22.20 35.68
C LYS C 213 -9.83 -23.69 35.36
N THR C 214 -10.87 -24.38 35.82
CA THR C 214 -10.96 -25.83 35.69
C THR C 214 -12.32 -26.30 35.16
N VAL C 215 -12.33 -27.37 34.37
CA VAL C 215 -13.57 -27.95 33.86
C VAL C 215 -13.53 -29.47 33.88
N ALA C 216 -14.67 -30.09 34.16
CA ALA C 216 -14.78 -31.55 34.16
C ALA C 216 -15.95 -32.02 33.29
N PRO C 217 -15.79 -33.15 32.57
CA PRO C 217 -16.78 -33.76 31.67
C PRO C 217 -18.22 -33.73 32.20
N THR C 218 -18.87 -32.57 32.02
CA THR C 218 -20.10 -32.22 32.74
C THR C 218 -20.08 -32.84 34.13
N GLU C 219 -18.99 -32.58 34.85
CA GLU C 219 -18.67 -33.31 36.06
C GLU C 219 -18.64 -34.80 35.80
#